data_1OLZ
#
_entry.id   1OLZ
#
_cell.length_a   73.320
_cell.length_b   76.760
_cell.length_c   89.410
_cell.angle_alpha   77.41
_cell.angle_beta   73.35
_cell.angle_gamma   63.57
#
_symmetry.space_group_name_H-M   'P 1'
#
loop_
_entity.id
_entity.type
_entity.pdbx_description
1 polymer 'SEMAPHORIN 4D'
2 water water
#
_entity_poly.entity_id   1
_entity_poly.type   'polypeptide(L)'
_entity_poly.pdbx_seq_one_letter_code
;MAFAPIPRITWEHREVHLVQFHEPDIYNYSALLLSEDKDTLYIGAREAVFAVNALNISEKQHEVYWKVSEDKKAKCAEKG
KSKQTECLNYIRVLQPLSATSLYVCGTNAFQPACDHLNLTSFKFLGKNEDGKGRCPFDPAHSYTSVMVDGELYSGTSYNF
LGSEPIISRNSSHSPLRTEYAIPWLNEPSFVFADVIRKSPDSPDGEDDRVYFFFTEVSVEYEFVFRVLIPRIARVCKGDQ
GGLRTLQKKWTSFLKARLICSRPDSGLVFNVLRDVFVLRSPGLKVPVFYALFTPQLNNVGLSAVCAYNLSTAEEVFSHGK
YMQSTTVEQSHTKWVRYNGPVPKPRPGACIDSEARAANYTSSLNLPDKTLQFVKDHPLMDDSVTPIDNRPRLIKKDVNYT
QIVVDRTQALDGTVYDVMFVSTDRGALHKAISLEHAVHIIEETQLFQDFEPVQTLLLSSKKGNRFVYAGSNSGVVQAPLA
FCGKHGTCEDCVLARDPYCAWSPPTATCVALHQTESPSRGLIQEMSGDASVCPDKSKGSYRQHFFKHGGTAELKCSQKSN
LARVFWKFQNGVLKAESPKYGLMGRKNLLIFNLSEGDSGVYQCLSEERVKNKTVFQVVAKHVLEVKVVPKPVVAPTLSVV
QTEGSRIATKVLVASTKHHHHHH
;
_entity_poly.pdbx_strand_id   A,B
#
# COMPACT_ATOMS: atom_id res chain seq x y z
N PHE A 3 0.94 -5.73 -12.05
CA PHE A 3 -0.36 -5.04 -11.87
C PHE A 3 -1.01 -4.70 -13.20
N ALA A 4 -2.34 -4.74 -13.23
CA ALA A 4 -3.09 -4.45 -14.44
C ALA A 4 -2.83 -3.02 -14.90
N PRO A 5 -2.95 -2.76 -16.22
CA PRO A 5 -2.73 -1.41 -16.74
C PRO A 5 -3.92 -0.53 -16.40
N ILE A 6 -3.83 0.74 -16.74
CA ILE A 6 -4.94 1.62 -16.47
C ILE A 6 -5.97 1.31 -17.56
N PRO A 7 -7.24 1.63 -17.32
CA PRO A 7 -8.26 1.37 -18.34
C PRO A 7 -7.84 2.10 -19.61
N ARG A 8 -7.91 1.41 -20.75
CA ARG A 8 -7.51 1.99 -22.03
C ARG A 8 -8.31 3.24 -22.41
N ILE A 9 -9.61 3.23 -22.15
CA ILE A 9 -10.46 4.38 -22.47
C ILE A 9 -11.28 4.76 -21.26
N THR A 10 -11.49 6.05 -21.09
CA THR A 10 -12.28 6.54 -19.98
C THR A 10 -13.48 7.29 -20.54
N TRP A 11 -14.67 6.76 -20.28
CA TRP A 11 -15.91 7.40 -20.73
C TRP A 11 -16.46 8.25 -19.60
N GLU A 12 -16.70 9.52 -19.85
CA GLU A 12 -17.27 10.38 -18.84
C GLU A 12 -18.75 10.03 -18.86
N HIS A 13 -19.43 10.20 -17.73
CA HIS A 13 -20.85 9.90 -17.66
C HIS A 13 -21.53 10.48 -18.89
N ARG A 14 -21.03 11.63 -19.31
CA ARG A 14 -21.53 12.38 -20.45
C ARG A 14 -21.45 11.70 -21.82
N GLU A 15 -20.23 11.36 -22.24
CA GLU A 15 -20.06 10.75 -23.56
C GLU A 15 -20.90 9.52 -23.85
N VAL A 16 -21.37 8.83 -22.82
CA VAL A 16 -22.16 7.63 -23.06
C VAL A 16 -23.59 7.65 -22.55
N HIS A 17 -24.40 6.78 -23.11
CA HIS A 17 -25.80 6.70 -22.73
C HIS A 17 -25.99 5.70 -21.59
N LEU A 18 -26.39 6.23 -20.45
CA LEU A 18 -26.64 5.42 -19.27
C LEU A 18 -28.03 5.77 -18.75
N VAL A 19 -28.83 4.76 -18.48
CA VAL A 19 -30.17 5.01 -17.96
C VAL A 19 -30.07 4.96 -16.46
N GLN A 20 -30.75 5.88 -15.80
CA GLN A 20 -30.72 5.95 -14.35
C GLN A 20 -32.12 5.89 -13.76
N PHE A 21 -32.19 5.41 -12.52
CA PHE A 21 -33.44 5.37 -11.81
C PHE A 21 -33.16 5.76 -10.37
N HIS A 22 -34.11 6.47 -9.79
CA HIS A 22 -34.05 6.85 -8.39
C HIS A 22 -35.41 7.44 -8.14
N GLU A 23 -35.78 7.54 -6.87
CA GLU A 23 -37.07 8.09 -6.51
C GLU A 23 -36.77 9.22 -5.54
N PRO A 24 -37.29 10.43 -5.81
CA PRO A 24 -37.02 11.53 -4.89
C PRO A 24 -37.22 11.10 -3.43
N ASP A 25 -36.30 11.55 -2.57
CA ASP A 25 -36.35 11.26 -1.14
C ASP A 25 -36.25 9.78 -0.71
N ILE A 26 -35.83 8.91 -1.63
CA ILE A 26 -35.65 7.49 -1.33
C ILE A 26 -34.18 7.20 -1.64
N TYR A 27 -33.49 6.54 -0.72
CA TYR A 27 -32.06 6.25 -0.89
C TYR A 27 -31.67 4.82 -0.59
N ASN A 28 -30.37 4.55 -0.74
CA ASN A 28 -29.76 3.25 -0.49
C ASN A 28 -30.37 2.10 -1.31
N TYR A 29 -30.15 2.15 -2.62
CA TYR A 29 -30.66 1.14 -3.53
C TYR A 29 -29.66 -0.01 -3.52
N SER A 30 -29.72 -0.82 -2.47
CA SER A 30 -28.79 -1.91 -2.26
C SER A 30 -29.21 -3.32 -2.68
N ALA A 31 -30.47 -3.49 -3.09
CA ALA A 31 -30.94 -4.81 -3.50
C ALA A 31 -31.57 -4.83 -4.90
N LEU A 32 -31.10 -5.76 -5.74
CA LEU A 32 -31.61 -5.89 -7.10
C LEU A 32 -32.00 -7.34 -7.39
N LEU A 33 -33.13 -7.55 -8.02
CA LEU A 33 -33.57 -8.89 -8.34
C LEU A 33 -34.37 -8.86 -9.64
N LEU A 34 -33.98 -9.69 -10.60
CA LEU A 34 -34.67 -9.76 -11.88
C LEU A 34 -35.90 -10.66 -11.77
N SER A 35 -37.02 -10.27 -12.37
CA SER A 35 -38.23 -11.08 -12.30
C SER A 35 -37.97 -12.39 -13.04
N GLU A 36 -38.80 -13.40 -12.81
CA GLU A 36 -38.61 -14.68 -13.48
C GLU A 36 -38.73 -14.57 -14.99
N ASP A 37 -39.62 -13.71 -15.50
CA ASP A 37 -39.75 -13.57 -16.95
C ASP A 37 -38.60 -12.72 -17.48
N LYS A 38 -37.86 -12.09 -16.56
CA LYS A 38 -36.70 -11.28 -16.89
C LYS A 38 -36.99 -9.94 -17.56
N ASP A 39 -38.26 -9.54 -17.59
CA ASP A 39 -38.59 -8.27 -18.23
C ASP A 39 -38.67 -7.15 -17.20
N THR A 40 -38.73 -7.53 -15.93
CA THR A 40 -38.84 -6.56 -14.84
C THR A 40 -37.69 -6.70 -13.85
N LEU A 41 -37.28 -5.57 -13.28
CA LEU A 41 -36.21 -5.53 -12.30
C LEU A 41 -36.80 -5.00 -11.02
N TYR A 42 -36.64 -5.76 -9.93
CA TYR A 42 -37.14 -5.33 -8.63
C TYR A 42 -35.99 -4.68 -7.87
N ILE A 43 -36.26 -3.53 -7.29
CA ILE A 43 -35.25 -2.79 -6.55
C ILE A 43 -35.65 -2.54 -5.11
N GLY A 44 -34.84 -3.07 -4.20
CA GLY A 44 -35.09 -2.90 -2.79
C GLY A 44 -34.25 -1.73 -2.33
N ALA A 45 -34.89 -0.73 -1.74
CA ALA A 45 -34.15 0.43 -1.27
C ALA A 45 -34.50 0.62 0.19
N ARG A 46 -34.23 1.82 0.70
CA ARG A 46 -34.55 2.10 2.09
C ARG A 46 -35.98 2.56 2.18
N GLU A 47 -36.82 1.73 2.80
CA GLU A 47 -38.24 2.02 3.01
C GLU A 47 -39.06 1.85 1.74
N ALA A 48 -38.51 1.18 0.74
CA ALA A 48 -39.25 0.99 -0.49
C ALA A 48 -38.76 -0.16 -1.36
N VAL A 49 -39.61 -0.57 -2.28
CA VAL A 49 -39.29 -1.63 -3.22
C VAL A 49 -39.94 -1.18 -4.51
N PHE A 50 -39.19 -1.20 -5.60
CA PHE A 50 -39.73 -0.78 -6.87
C PHE A 50 -39.63 -1.86 -7.91
N ALA A 51 -40.44 -1.71 -8.95
CA ALA A 51 -40.47 -2.62 -10.07
C ALA A 51 -40.29 -1.68 -11.25
N VAL A 52 -39.30 -1.95 -12.08
CA VAL A 52 -39.01 -1.12 -13.26
C VAL A 52 -38.73 -1.97 -14.51
N ASN A 53 -38.93 -1.38 -15.68
CA ASN A 53 -38.69 -2.11 -16.93
C ASN A 53 -37.22 -2.54 -16.96
N ALA A 54 -36.95 -3.83 -17.09
CA ALA A 54 -35.56 -4.27 -17.11
C ALA A 54 -34.80 -3.78 -18.34
N LEU A 55 -35.52 -3.26 -19.34
CA LEU A 55 -34.89 -2.77 -20.56
C LEU A 55 -34.61 -1.27 -20.50
N ASN A 56 -35.27 -0.59 -19.57
CA ASN A 56 -35.10 0.84 -19.38
C ASN A 56 -35.59 1.08 -17.95
N ILE A 57 -34.65 1.03 -17.00
CA ILE A 57 -34.98 1.16 -15.59
C ILE A 57 -35.52 2.52 -15.20
N SER A 58 -35.44 3.50 -16.09
CA SER A 58 -35.98 4.81 -15.77
C SER A 58 -37.51 4.71 -15.80
N GLU A 59 -38.02 3.66 -16.42
CA GLU A 59 -39.47 3.44 -16.51
C GLU A 59 -39.96 2.63 -15.32
N LYS A 60 -40.57 3.33 -14.37
CA LYS A 60 -41.09 2.70 -13.16
C LYS A 60 -42.48 2.12 -13.40
N GLN A 61 -42.64 0.84 -13.08
CA GLN A 61 -43.91 0.14 -13.26
C GLN A 61 -44.75 0.08 -11.99
N HIS A 62 -44.10 -0.12 -10.85
CA HIS A 62 -44.79 -0.19 -9.57
C HIS A 62 -43.84 0.29 -8.50
N GLU A 63 -44.41 0.52 -7.32
CA GLU A 63 -43.63 0.98 -6.18
C GLU A 63 -44.49 0.72 -4.96
N VAL A 64 -43.86 0.43 -3.83
CA VAL A 64 -44.59 0.16 -2.60
C VAL A 64 -43.68 0.63 -1.49
N TYR A 65 -44.26 1.06 -0.39
CA TYR A 65 -43.44 1.53 0.71
C TYR A 65 -43.69 0.75 1.99
N TRP A 66 -42.69 0.77 2.85
CA TRP A 66 -42.74 0.07 4.12
C TRP A 66 -41.89 0.90 5.07
N LYS A 67 -42.40 2.07 5.44
CA LYS A 67 -41.70 3.00 6.32
C LYS A 67 -41.93 2.73 7.81
N VAL A 68 -40.99 3.14 8.65
CA VAL A 68 -41.12 2.93 10.09
C VAL A 68 -41.99 4.05 10.66
N SER A 69 -42.99 3.67 11.45
CA SER A 69 -43.90 4.63 12.06
C SER A 69 -43.08 5.64 12.85
N GLU A 70 -43.61 6.86 13.00
CA GLU A 70 -42.91 7.89 13.76
C GLU A 70 -42.79 7.46 15.21
N ASP A 71 -43.72 6.59 15.63
CA ASP A 71 -43.72 6.06 16.98
C ASP A 71 -42.54 5.10 17.13
N LYS A 72 -42.48 4.11 16.24
CA LYS A 72 -41.41 3.13 16.27
C LYS A 72 -40.06 3.80 16.06
N LYS A 73 -40.03 4.84 15.25
CA LYS A 73 -38.78 5.56 15.01
C LYS A 73 -38.39 6.24 16.31
N ALA A 74 -39.37 6.48 17.16
CA ALA A 74 -39.16 7.13 18.46
C ALA A 74 -38.49 6.14 19.42
N LYS A 75 -39.09 4.96 19.54
CA LYS A 75 -38.54 3.92 20.41
C LYS A 75 -37.13 3.55 19.99
N CYS A 76 -36.87 3.60 18.68
CA CYS A 76 -35.55 3.25 18.16
C CYS A 76 -34.49 4.28 18.53
N ALA A 77 -34.85 5.56 18.46
CA ALA A 77 -33.89 6.61 18.78
C ALA A 77 -33.54 6.53 20.26
N GLU A 78 -34.49 6.04 21.06
CA GLU A 78 -34.30 5.89 22.50
C GLU A 78 -33.15 4.94 22.76
N LYS A 79 -33.02 3.94 21.90
CA LYS A 79 -31.96 2.97 22.03
C LYS A 79 -30.63 3.61 21.65
N GLY A 80 -30.66 4.92 21.41
CA GLY A 80 -29.45 5.65 21.07
C GLY A 80 -29.03 5.58 19.62
N LYS A 81 -29.98 5.40 18.72
CA LYS A 81 -29.67 5.31 17.29
C LYS A 81 -30.10 6.56 16.54
N SER A 82 -29.38 6.87 15.47
CA SER A 82 -29.69 8.02 14.63
C SER A 82 -31.11 7.87 14.12
N LYS A 83 -31.97 8.82 14.51
CA LYS A 83 -33.37 8.79 14.14
C LYS A 83 -33.64 9.11 12.69
N GLN A 84 -32.66 9.71 12.02
CA GLN A 84 -32.82 10.07 10.63
C GLN A 84 -32.06 9.20 9.64
N THR A 85 -31.24 8.29 10.15
CA THR A 85 -30.47 7.41 9.29
C THR A 85 -30.61 5.95 9.68
N GLU A 86 -30.35 5.66 10.95
CA GLU A 86 -30.42 4.30 11.45
C GLU A 86 -31.81 3.77 11.71
N CYS A 87 -32.67 4.62 12.24
CA CYS A 87 -34.03 4.21 12.56
C CYS A 87 -34.99 4.18 11.39
N LEU A 88 -34.56 3.53 10.31
CA LEU A 88 -35.38 3.40 9.12
C LEU A 88 -35.42 1.92 8.73
N ASN A 89 -36.27 1.59 7.75
CA ASN A 89 -36.40 0.22 7.28
C ASN A 89 -35.57 0.00 6.03
N TYR A 90 -34.36 -0.50 6.21
CA TYR A 90 -33.45 -0.78 5.10
C TYR A 90 -33.74 -2.18 4.59
N ILE A 91 -34.15 -2.29 3.33
CA ILE A 91 -34.43 -3.61 2.76
C ILE A 91 -33.14 -4.38 2.65
N ARG A 92 -33.12 -5.58 3.22
CA ARG A 92 -31.93 -6.43 3.23
C ARG A 92 -32.17 -7.77 2.55
N VAL A 93 -33.42 -8.22 2.50
CA VAL A 93 -33.71 -9.49 1.82
C VAL A 93 -34.77 -9.19 0.76
N LEU A 94 -34.56 -9.70 -0.44
CA LEU A 94 -35.47 -9.49 -1.56
C LEU A 94 -35.27 -10.71 -2.43
N GLN A 95 -36.05 -11.75 -2.14
CA GLN A 95 -35.94 -12.99 -2.87
C GLN A 95 -37.25 -13.46 -3.46
N PRO A 96 -37.17 -14.31 -4.48
CA PRO A 96 -38.38 -14.84 -5.11
C PRO A 96 -39.01 -15.90 -4.20
N LEU A 97 -40.33 -15.83 -4.07
CA LEU A 97 -41.08 -16.76 -3.23
C LEU A 97 -41.91 -17.66 -4.13
N SER A 98 -42.52 -17.06 -5.13
CA SER A 98 -43.32 -17.77 -6.10
C SER A 98 -43.48 -16.85 -7.29
N ALA A 99 -44.39 -17.19 -8.18
CA ALA A 99 -44.63 -16.38 -9.38
C ALA A 99 -45.36 -15.11 -8.99
N THR A 100 -46.18 -15.21 -7.97
CA THR A 100 -46.99 -14.11 -7.51
C THR A 100 -46.40 -13.32 -6.33
N SER A 101 -45.24 -13.71 -5.82
CA SER A 101 -44.70 -13.00 -4.67
C SER A 101 -43.20 -13.03 -4.43
N LEU A 102 -42.77 -12.08 -3.58
CA LEU A 102 -41.37 -11.97 -3.20
C LEU A 102 -41.27 -12.02 -1.67
N TYR A 103 -40.17 -12.56 -1.18
CA TYR A 103 -39.91 -12.60 0.25
C TYR A 103 -39.04 -11.38 0.52
N VAL A 104 -39.52 -10.49 1.38
CA VAL A 104 -38.81 -9.25 1.68
C VAL A 104 -38.56 -9.03 3.18
N CYS A 105 -37.32 -8.74 3.53
CA CYS A 105 -36.97 -8.48 4.93
C CYS A 105 -36.22 -7.14 5.03
N GLY A 106 -36.49 -6.39 6.10
CA GLY A 106 -35.83 -5.11 6.30
C GLY A 106 -35.41 -4.93 7.74
N THR A 107 -34.44 -4.04 7.98
CA THR A 107 -33.96 -3.81 9.33
C THR A 107 -35.05 -3.27 10.25
N ASN A 108 -36.10 -2.70 9.66
CA ASN A 108 -37.22 -2.20 10.43
C ASN A 108 -36.83 -1.44 11.70
N ALA A 109 -35.95 -0.45 11.55
CA ALA A 109 -35.47 0.37 12.67
C ALA A 109 -34.97 -0.47 13.83
N PHE A 110 -34.04 -1.37 13.55
CA PHE A 110 -33.47 -2.22 14.57
C PHE A 110 -34.49 -3.14 15.18
N GLN A 111 -35.36 -3.67 14.34
CA GLN A 111 -36.40 -4.62 14.73
C GLN A 111 -36.68 -5.46 13.49
N PRO A 112 -35.65 -6.21 13.01
CA PRO A 112 -35.76 -7.06 11.82
C PRO A 112 -37.13 -7.70 11.63
N ALA A 113 -37.69 -7.53 10.41
CA ALA A 113 -39.00 -8.09 10.07
C ALA A 113 -39.07 -8.54 8.61
N CYS A 114 -39.88 -9.55 8.34
CA CYS A 114 -40.04 -10.07 6.99
C CYS A 114 -41.49 -10.09 6.56
N ASP A 115 -41.70 -9.98 5.25
CA ASP A 115 -43.04 -9.96 4.72
C ASP A 115 -43.08 -10.60 3.35
N HIS A 116 -44.28 -10.69 2.80
CA HIS A 116 -44.46 -11.25 1.47
C HIS A 116 -44.95 -10.10 0.64
N LEU A 117 -44.37 -9.92 -0.55
CA LEU A 117 -44.83 -8.86 -1.41
C LEU A 117 -45.63 -9.54 -2.49
N ASN A 118 -46.92 -9.23 -2.56
CA ASN A 118 -47.80 -9.79 -3.57
C ASN A 118 -47.47 -9.04 -4.84
N LEU A 119 -46.88 -9.74 -5.80
CA LEU A 119 -46.49 -9.12 -7.05
C LEU A 119 -47.70 -8.67 -7.85
N THR A 120 -48.77 -9.44 -7.76
CA THR A 120 -49.97 -9.09 -8.51
C THR A 120 -50.52 -7.73 -8.09
N SER A 121 -50.70 -7.54 -6.78
CA SER A 121 -51.21 -6.27 -6.27
C SER A 121 -50.08 -5.35 -5.91
N PHE A 122 -48.87 -5.90 -5.87
CA PHE A 122 -47.67 -5.17 -5.49
C PHE A 122 -47.92 -4.48 -4.14
N LYS A 123 -48.55 -5.23 -3.25
CA LYS A 123 -48.85 -4.76 -1.91
C LYS A 123 -48.27 -5.79 -0.94
N PHE A 124 -47.74 -5.33 0.19
CA PHE A 124 -47.19 -6.26 1.18
C PHE A 124 -48.38 -6.94 1.87
N LEU A 125 -48.28 -8.25 2.13
CA LEU A 125 -49.35 -8.98 2.77
C LEU A 125 -49.55 -8.66 4.26
N GLY A 126 -48.56 -8.00 4.85
CA GLY A 126 -48.66 -7.62 6.26
C GLY A 126 -48.44 -8.69 7.30
N LYS A 127 -47.67 -9.73 6.97
CA LYS A 127 -47.40 -10.81 7.91
C LYS A 127 -46.51 -10.33 9.05
N ASN A 128 -45.57 -9.46 8.75
CA ASN A 128 -44.63 -8.94 9.73
C ASN A 128 -44.03 -10.06 10.56
N GLU A 129 -43.32 -10.96 9.91
CA GLU A 129 -42.66 -12.07 10.61
C GLU A 129 -41.41 -11.55 11.30
N ASP A 130 -40.94 -12.27 12.32
CA ASP A 130 -39.73 -11.85 13.00
C ASP A 130 -38.55 -12.15 12.07
N GLY A 131 -37.69 -11.16 11.86
CA GLY A 131 -36.56 -11.32 10.97
C GLY A 131 -35.23 -11.62 11.64
N LYS A 132 -35.23 -11.78 12.96
CA LYS A 132 -34.01 -12.06 13.69
C LYS A 132 -33.38 -13.32 13.13
N GLY A 133 -32.11 -13.22 12.74
CA GLY A 133 -31.41 -14.37 12.18
C GLY A 133 -31.41 -14.45 10.66
N ARG A 134 -32.29 -13.71 10.01
CA ARG A 134 -32.35 -13.74 8.55
C ARG A 134 -32.09 -12.37 7.93
N CYS A 135 -32.10 -11.35 8.79
CA CYS A 135 -31.89 -9.99 8.36
C CYS A 135 -31.27 -9.27 9.55
N PRO A 136 -30.22 -8.46 9.33
CA PRO A 136 -29.58 -7.72 10.43
C PRO A 136 -30.40 -6.58 11.00
N PHE A 137 -29.99 -6.09 12.16
CA PHE A 137 -30.65 -5.01 12.87
C PHE A 137 -30.19 -3.65 12.37
N ASP A 138 -28.89 -3.54 12.20
CA ASP A 138 -28.22 -2.33 11.80
C ASP A 138 -27.92 -2.34 10.31
N PRO A 139 -28.18 -1.20 9.62
CA PRO A 139 -27.91 -1.10 8.19
C PRO A 139 -26.42 -1.26 7.85
N ALA A 140 -25.55 -1.12 8.85
CA ALA A 140 -24.10 -1.24 8.64
C ALA A 140 -23.60 -2.67 8.79
N HIS A 141 -24.38 -3.52 9.45
CA HIS A 141 -23.98 -4.91 9.64
C HIS A 141 -24.00 -5.71 8.34
N SER A 142 -23.09 -6.67 8.24
CA SER A 142 -22.99 -7.49 7.05
C SER A 142 -24.07 -8.58 7.04
N TYR A 143 -24.43 -9.03 5.85
CA TYR A 143 -25.47 -10.04 5.69
C TYR A 143 -25.33 -10.71 4.34
N THR A 144 -25.97 -11.86 4.21
CA THR A 144 -26.00 -12.59 2.96
C THR A 144 -27.15 -13.58 3.08
N SER A 145 -27.70 -14.01 1.96
CA SER A 145 -28.81 -14.94 2.00
C SER A 145 -29.09 -15.49 0.61
N VAL A 146 -29.68 -16.68 0.56
CA VAL A 146 -30.01 -17.32 -0.69
C VAL A 146 -31.26 -18.19 -0.53
N MET A 147 -32.25 -17.99 -1.41
CA MET A 147 -33.49 -18.76 -1.39
C MET A 147 -33.22 -20.08 -2.13
N VAL A 148 -33.33 -21.19 -1.39
CA VAL A 148 -33.08 -22.51 -1.93
C VAL A 148 -34.31 -23.40 -1.74
N ASP A 149 -35.01 -23.67 -2.85
CA ASP A 149 -36.21 -24.49 -2.83
C ASP A 149 -37.21 -24.00 -1.79
N GLY A 150 -37.46 -22.70 -1.77
CA GLY A 150 -38.40 -22.13 -0.81
C GLY A 150 -37.87 -21.95 0.60
N GLU A 151 -36.62 -22.34 0.84
CA GLU A 151 -36.03 -22.18 2.17
C GLU A 151 -34.98 -21.07 2.13
N LEU A 152 -35.07 -20.13 3.06
CA LEU A 152 -34.09 -19.05 3.10
C LEU A 152 -32.87 -19.42 3.96
N TYR A 153 -31.71 -19.44 3.32
CA TYR A 153 -30.45 -19.74 4.02
C TYR A 153 -29.81 -18.38 4.28
N SER A 154 -29.55 -18.06 5.54
CA SER A 154 -29.00 -16.77 5.86
C SER A 154 -27.71 -16.77 6.64
N GLY A 155 -27.00 -15.64 6.55
CA GLY A 155 -25.75 -15.44 7.24
C GLY A 155 -25.79 -14.00 7.71
N THR A 156 -25.77 -13.79 9.03
CA THR A 156 -25.81 -12.43 9.54
C THR A 156 -25.69 -12.45 11.05
N SER A 157 -25.81 -11.26 11.66
CA SER A 157 -25.71 -11.11 13.10
C SER A 157 -27.08 -11.33 13.74
N TYR A 158 -27.11 -12.03 14.88
CA TYR A 158 -28.39 -12.30 15.52
C TYR A 158 -28.91 -11.18 16.41
N ASN A 159 -28.05 -10.22 16.76
CA ASN A 159 -28.50 -9.16 17.64
C ASN A 159 -28.24 -7.75 17.19
N PHE A 160 -28.70 -6.82 18.02
CA PHE A 160 -28.59 -5.38 17.85
C PHE A 160 -27.13 -4.90 17.76
N LEU A 161 -26.24 -5.53 18.52
CA LEU A 161 -24.84 -5.11 18.52
C LEU A 161 -24.07 -5.57 17.30
N GLY A 162 -24.62 -6.53 16.57
CA GLY A 162 -23.92 -7.02 15.40
C GLY A 162 -23.12 -8.26 15.74
N SER A 163 -23.21 -8.73 16.98
CA SER A 163 -22.49 -9.94 17.37
C SER A 163 -23.44 -11.12 17.29
N GLU A 164 -22.98 -12.30 17.73
CA GLU A 164 -23.78 -13.51 17.68
C GLU A 164 -24.04 -13.84 16.21
N PRO A 165 -22.96 -14.09 15.46
CA PRO A 165 -23.04 -14.42 14.04
C PRO A 165 -23.75 -15.74 13.89
N ILE A 166 -24.55 -15.86 12.84
CA ILE A 166 -25.30 -17.07 12.65
C ILE A 166 -25.58 -17.34 11.18
N ILE A 167 -25.37 -18.59 10.77
CA ILE A 167 -25.67 -19.05 9.42
C ILE A 167 -26.80 -20.03 9.68
N SER A 168 -28.03 -19.68 9.32
CA SER A 168 -29.14 -20.58 9.58
C SER A 168 -30.14 -20.71 8.47
N ARG A 169 -30.82 -21.85 8.46
CA ARG A 169 -31.87 -22.10 7.50
C ARG A 169 -33.12 -22.18 8.36
N ASN A 170 -34.04 -21.26 8.19
CA ASN A 170 -35.25 -21.40 8.97
C ASN A 170 -36.34 -21.89 8.04
N SER A 171 -36.85 -23.06 8.38
CA SER A 171 -37.89 -23.71 7.63
C SER A 171 -38.93 -24.22 8.61
N SER A 172 -40.07 -24.65 8.10
CA SER A 172 -41.10 -25.16 8.97
C SER A 172 -40.69 -26.55 9.45
N HIS A 173 -40.06 -27.31 8.56
CA HIS A 173 -39.63 -28.65 8.91
C HIS A 173 -38.32 -28.71 9.67
N SER A 174 -37.19 -28.66 8.98
CA SER A 174 -35.91 -28.76 9.67
C SER A 174 -35.11 -27.46 9.76
N PRO A 175 -35.36 -26.64 10.81
CA PRO A 175 -34.67 -25.38 11.05
C PRO A 175 -33.35 -25.60 11.75
N LEU A 176 -32.25 -25.39 11.03
CA LEU A 176 -30.93 -25.59 11.60
C LEU A 176 -30.16 -24.28 11.73
N ARG A 177 -29.09 -24.31 12.51
CA ARG A 177 -28.28 -23.13 12.69
C ARG A 177 -26.89 -23.54 13.13
N THR A 178 -25.99 -22.57 13.16
CA THR A 178 -24.63 -22.82 13.57
C THR A 178 -24.54 -22.72 15.09
N GLU A 179 -23.48 -23.27 15.64
CA GLU A 179 -23.24 -23.20 17.07
C GLU A 179 -22.69 -21.80 17.35
N TYR A 180 -23.02 -21.23 18.50
CA TYR A 180 -22.49 -19.92 18.85
C TYR A 180 -21.11 -20.20 19.43
N ALA A 181 -20.13 -20.45 18.58
CA ALA A 181 -18.78 -20.75 19.04
C ALA A 181 -17.70 -20.30 18.06
N ILE A 182 -16.68 -19.63 18.59
CA ILE A 182 -15.57 -19.12 17.78
C ILE A 182 -15.05 -20.12 16.75
N PRO A 183 -14.91 -21.39 17.13
CA PRO A 183 -14.42 -22.35 16.13
C PRO A 183 -15.32 -22.45 14.91
N TRP A 184 -16.59 -22.11 15.06
CA TRP A 184 -17.54 -22.18 13.95
C TRP A 184 -17.50 -20.87 13.17
N LEU A 185 -17.71 -19.77 13.88
CA LEU A 185 -17.72 -18.44 13.29
C LEU A 185 -17.06 -17.45 14.25
N ASN A 186 -16.01 -16.77 13.77
CA ASN A 186 -15.28 -15.83 14.61
C ASN A 186 -15.35 -14.39 14.05
N GLU A 187 -16.37 -13.64 14.46
CA GLU A 187 -16.57 -12.27 13.98
C GLU A 187 -16.48 -12.22 12.46
N PRO A 188 -17.39 -12.93 11.77
CA PRO A 188 -17.36 -12.94 10.30
C PRO A 188 -18.09 -11.76 9.69
N SER A 189 -17.69 -11.40 8.48
CA SER A 189 -18.34 -10.33 7.72
C SER A 189 -18.81 -11.09 6.51
N PHE A 190 -20.12 -11.29 6.44
CA PHE A 190 -20.72 -12.07 5.35
C PHE A 190 -20.68 -11.35 4.03
N VAL A 191 -20.35 -12.11 2.99
CA VAL A 191 -20.24 -11.56 1.66
C VAL A 191 -21.19 -12.17 0.62
N PHE A 192 -21.24 -13.49 0.55
CA PHE A 192 -22.04 -14.14 -0.46
C PHE A 192 -22.49 -15.51 -0.03
N ALA A 193 -23.52 -16.02 -0.67
CA ALA A 193 -24.06 -17.36 -0.41
C ALA A 193 -24.80 -17.79 -1.67
N ASP A 194 -24.56 -19.02 -2.11
CA ASP A 194 -25.26 -19.52 -3.28
C ASP A 194 -25.34 -21.04 -3.20
N VAL A 195 -26.24 -21.62 -3.97
CA VAL A 195 -26.40 -23.05 -4.00
C VAL A 195 -25.67 -23.60 -5.21
N ILE A 196 -24.96 -24.70 -5.00
CA ILE A 196 -24.27 -25.36 -6.08
C ILE A 196 -25.02 -26.68 -6.12
N ARG A 197 -26.00 -26.76 -7.02
CA ARG A 197 -26.80 -27.97 -7.10
C ARG A 197 -26.45 -28.83 -8.29
N LYS A 198 -26.83 -28.34 -9.46
CA LYS A 198 -26.60 -29.02 -10.72
C LYS A 198 -27.00 -30.50 -10.68
N SER A 199 -26.00 -31.38 -10.71
CA SER A 199 -26.27 -32.82 -10.70
C SER A 199 -25.23 -33.62 -9.93
N PRO A 200 -25.65 -34.71 -9.27
CA PRO A 200 -27.04 -35.18 -9.21
C PRO A 200 -27.86 -34.47 -8.11
N GLY A 205 -27.14 -40.35 -6.23
CA GLY A 205 -28.01 -39.47 -5.36
C GLY A 205 -27.23 -38.43 -4.58
N GLU A 206 -26.76 -37.40 -5.28
CA GLU A 206 -25.98 -36.34 -4.66
C GLU A 206 -26.84 -35.17 -4.17
N ASP A 207 -26.61 -34.77 -2.92
CA ASP A 207 -27.35 -33.67 -2.33
C ASP A 207 -26.78 -32.36 -2.89
N ASP A 208 -27.50 -31.26 -2.69
CA ASP A 208 -27.00 -29.98 -3.16
C ASP A 208 -26.33 -29.31 -1.97
N ARG A 209 -25.34 -28.47 -2.23
CA ARG A 209 -24.63 -27.77 -1.17
C ARG A 209 -24.89 -26.27 -1.26
N VAL A 210 -25.05 -25.62 -0.12
CA VAL A 210 -25.25 -24.17 -0.11
C VAL A 210 -23.95 -23.58 0.42
N TYR A 211 -23.25 -22.82 -0.42
CA TYR A 211 -21.99 -22.22 -0.03
C TYR A 211 -22.15 -20.83 0.54
N PHE A 212 -21.34 -20.55 1.56
CA PHE A 212 -21.33 -19.25 2.21
C PHE A 212 -19.90 -18.72 2.16
N PHE A 213 -19.77 -17.43 1.89
CA PHE A 213 -18.47 -16.78 1.80
C PHE A 213 -18.41 -15.61 2.77
N PHE A 214 -17.29 -15.46 3.47
CA PHE A 214 -17.17 -14.38 4.44
C PHE A 214 -15.73 -14.19 4.87
N THR A 215 -15.49 -13.09 5.56
CA THR A 215 -14.16 -12.79 6.09
C THR A 215 -14.32 -12.90 7.61
N GLU A 216 -13.36 -13.51 8.28
CA GLU A 216 -13.47 -13.65 9.72
C GLU A 216 -12.09 -13.61 10.34
N VAL A 217 -12.04 -13.46 11.66
CA VAL A 217 -10.76 -13.45 12.38
C VAL A 217 -10.21 -14.87 12.40
N SER A 218 -8.98 -15.02 11.93
CA SER A 218 -8.32 -16.31 11.87
C SER A 218 -7.92 -16.82 13.25
N VAL A 219 -8.15 -18.11 13.50
CA VAL A 219 -7.79 -18.72 14.77
C VAL A 219 -6.48 -19.47 14.54
N GLU A 220 -6.14 -19.68 13.27
CA GLU A 220 -4.92 -20.39 12.92
C GLU A 220 -3.73 -19.48 12.57
N TYR A 221 -3.95 -18.17 12.53
CA TYR A 221 -2.87 -17.24 12.20
C TYR A 221 -2.70 -16.23 13.30
N GLU A 222 -1.45 -15.90 13.60
CA GLU A 222 -1.11 -14.94 14.64
C GLU A 222 -0.19 -13.86 14.08
N PHE A 223 -0.45 -12.59 14.42
CA PHE A 223 0.39 -11.52 13.92
C PHE A 223 0.45 -10.38 14.94
N VAL A 224 0.91 -9.21 14.50
CA VAL A 224 1.01 -8.06 15.40
C VAL A 224 -0.39 -7.81 15.98
N PHE A 225 -1.40 -7.84 15.12
CA PHE A 225 -2.78 -7.73 15.60
C PHE A 225 -3.62 -8.79 14.88
N ARG A 226 -4.89 -8.86 15.22
CA ARG A 226 -5.79 -9.85 14.64
C ARG A 226 -5.77 -9.91 13.13
N VAL A 227 -5.51 -11.09 12.57
CA VAL A 227 -5.46 -11.26 11.13
C VAL A 227 -6.79 -11.75 10.58
N LEU A 228 -7.29 -11.05 9.57
CA LEU A 228 -8.52 -11.42 8.91
C LEU A 228 -8.23 -12.46 7.86
N ILE A 229 -9.22 -13.32 7.60
CA ILE A 229 -9.03 -14.35 6.60
C ILE A 229 -10.36 -14.68 5.91
N PRO A 230 -10.33 -14.80 4.57
CA PRO A 230 -11.54 -15.13 3.81
C PRO A 230 -11.84 -16.62 3.96
N ARG A 231 -13.12 -16.97 3.99
CA ARG A 231 -13.50 -18.36 4.12
C ARG A 231 -14.50 -18.78 3.06
N ILE A 232 -14.39 -20.01 2.61
CA ILE A 232 -15.39 -20.57 1.71
C ILE A 232 -15.95 -21.67 2.62
N ALA A 233 -17.26 -21.70 2.80
CA ALA A 233 -17.88 -22.69 3.66
C ALA A 233 -19.12 -23.26 2.97
N ARG A 234 -19.62 -24.41 3.46
CA ARG A 234 -20.84 -25.00 2.89
C ARG A 234 -21.51 -25.98 3.83
N VAL A 235 -22.83 -26.12 3.64
CA VAL A 235 -23.65 -27.08 4.39
C VAL A 235 -24.41 -27.84 3.32
N CYS A 236 -24.97 -28.99 3.67
CA CYS A 236 -25.73 -29.76 2.70
C CYS A 236 -27.18 -29.36 2.80
N LYS A 237 -27.82 -29.18 1.65
CA LYS A 237 -29.22 -28.80 1.64
C LYS A 237 -30.08 -29.82 2.40
N GLY A 238 -29.77 -31.10 2.25
CA GLY A 238 -30.53 -32.14 2.92
C GLY A 238 -30.24 -32.34 4.41
N ASP A 239 -29.35 -31.53 4.95
CA ASP A 239 -29.00 -31.65 6.37
C ASP A 239 -30.28 -31.63 7.22
N GLN A 240 -30.25 -32.38 8.33
CA GLN A 240 -31.40 -32.45 9.23
C GLN A 240 -31.01 -32.26 10.70
N GLY A 241 -29.72 -32.07 10.97
CA GLY A 241 -29.27 -31.91 12.34
C GLY A 241 -29.05 -33.29 12.95
N GLY A 242 -28.41 -33.33 14.12
CA GLY A 242 -28.16 -34.61 14.77
C GLY A 242 -29.31 -35.02 15.68
N LEU A 243 -29.29 -36.26 16.14
CA LEU A 243 -30.35 -36.76 17.02
C LEU A 243 -30.09 -36.39 18.47
N ARG A 244 -28.92 -36.77 18.98
CA ARG A 244 -28.55 -36.47 20.36
C ARG A 244 -27.47 -35.38 20.41
N THR A 245 -26.71 -35.25 19.33
CA THR A 245 -25.64 -34.25 19.20
C THR A 245 -25.99 -33.31 18.04
N LEU A 246 -25.60 -32.05 18.17
CA LEU A 246 -25.88 -31.07 17.12
C LEU A 246 -27.36 -31.10 16.84
N GLN A 247 -28.16 -31.07 17.90
CA GLN A 247 -29.60 -31.09 17.78
C GLN A 247 -30.05 -29.73 17.26
N LYS A 248 -30.65 -29.73 16.08
CA LYS A 248 -31.12 -28.48 15.49
C LYS A 248 -29.96 -27.58 15.05
N LYS A 249 -28.87 -28.21 14.62
CA LYS A 249 -27.69 -27.50 14.12
C LYS A 249 -27.16 -28.30 12.95
N TRP A 250 -26.38 -27.63 12.11
CA TRP A 250 -25.81 -28.29 10.94
C TRP A 250 -24.91 -29.43 11.37
N THR A 251 -24.89 -30.50 10.58
CA THR A 251 -24.03 -31.63 10.86
C THR A 251 -23.14 -31.72 9.63
N SER A 252 -23.33 -30.78 8.72
CA SER A 252 -22.57 -30.71 7.48
C SER A 252 -21.78 -29.41 7.32
N PHE A 253 -21.68 -28.59 8.37
CA PHE A 253 -20.95 -27.34 8.23
C PHE A 253 -19.42 -27.51 8.28
N LEU A 254 -18.76 -27.16 7.19
CA LEU A 254 -17.31 -27.22 7.07
C LEU A 254 -16.86 -25.90 6.43
N LYS A 255 -15.66 -25.44 6.75
CA LYS A 255 -15.13 -24.22 6.16
C LYS A 255 -13.64 -24.36 5.88
N ALA A 256 -13.12 -23.50 5.00
CA ALA A 256 -11.72 -23.52 4.60
C ALA A 256 -11.24 -22.12 4.23
N ARG A 257 -9.92 -21.93 4.21
CA ARG A 257 -9.36 -20.64 3.84
C ARG A 257 -9.45 -20.46 2.33
N LEU A 258 -9.65 -19.23 1.91
CA LEU A 258 -9.74 -18.87 0.50
C LEU A 258 -8.58 -17.91 0.30
N ILE A 259 -7.49 -18.39 -0.29
CA ILE A 259 -6.28 -17.59 -0.49
C ILE A 259 -6.13 -16.84 -1.83
N CYS A 260 -5.88 -15.53 -1.74
CA CYS A 260 -5.62 -14.69 -2.92
C CYS A 260 -4.36 -13.91 -2.55
N SER A 261 -3.25 -14.28 -3.17
CA SER A 261 -1.99 -13.61 -2.88
C SER A 261 -0.99 -13.83 -4.00
N ARG A 262 0.14 -13.13 -3.87
CA ARG A 262 1.27 -13.23 -4.80
C ARG A 262 2.46 -13.15 -3.87
N PRO A 263 2.85 -14.31 -3.29
CA PRO A 263 3.97 -14.46 -2.35
C PRO A 263 5.27 -13.76 -2.73
N ASP A 264 5.71 -13.94 -3.96
CA ASP A 264 6.94 -13.33 -4.41
C ASP A 264 6.90 -11.81 -4.28
N SER A 265 5.70 -11.25 -4.29
CA SER A 265 5.51 -9.82 -4.16
C SER A 265 5.16 -9.44 -2.71
N GLY A 266 4.92 -10.46 -1.89
CA GLY A 266 4.55 -10.20 -0.50
C GLY A 266 3.17 -9.58 -0.46
N LEU A 267 2.35 -9.92 -1.44
CA LEU A 267 0.99 -9.40 -1.54
C LEU A 267 0.01 -10.41 -0.97
N VAL A 268 -0.80 -9.97 -0.01
CA VAL A 268 -1.77 -10.87 0.57
C VAL A 268 -3.10 -10.10 0.68
N PHE A 269 -4.12 -10.60 -0.01
CA PHE A 269 -5.44 -9.97 -0.01
C PHE A 269 -6.35 -10.85 0.83
N ASN A 270 -6.34 -10.59 2.13
CA ASN A 270 -7.10 -11.40 3.07
C ASN A 270 -8.46 -10.85 3.46
N VAL A 271 -8.99 -9.93 2.68
CA VAL A 271 -10.32 -9.41 2.96
C VAL A 271 -11.14 -9.64 1.72
N LEU A 272 -12.20 -10.43 1.87
CA LEU A 272 -13.10 -10.77 0.79
C LEU A 272 -14.18 -9.70 0.62
N ARG A 273 -14.31 -9.18 -0.60
CA ARG A 273 -15.28 -8.13 -0.88
C ARG A 273 -16.51 -8.62 -1.63
N ASP A 274 -16.34 -9.55 -2.54
CA ASP A 274 -17.48 -10.05 -3.31
C ASP A 274 -17.14 -11.37 -3.96
N VAL A 275 -18.18 -12.13 -4.33
CA VAL A 275 -18.00 -13.40 -5.00
C VAL A 275 -19.07 -13.50 -6.07
N PHE A 276 -18.71 -14.08 -7.21
CA PHE A 276 -19.64 -14.26 -8.29
C PHE A 276 -19.47 -15.67 -8.80
N VAL A 277 -20.58 -16.37 -9.04
CA VAL A 277 -20.49 -17.73 -9.54
C VAL A 277 -20.75 -17.70 -11.03
N LEU A 278 -19.75 -18.09 -11.81
CA LEU A 278 -19.86 -18.11 -13.25
C LEU A 278 -20.39 -19.45 -13.70
N ARG A 279 -21.60 -19.46 -14.27
CA ARG A 279 -22.21 -20.68 -14.73
C ARG A 279 -22.31 -20.62 -16.24
N SER A 280 -21.71 -21.62 -16.87
CA SER A 280 -21.67 -21.70 -18.32
C SER A 280 -22.37 -22.94 -18.87
N PRO A 281 -23.32 -22.76 -19.79
CA PRO A 281 -24.04 -23.89 -20.38
C PRO A 281 -23.07 -24.85 -21.09
N GLY A 282 -21.98 -24.29 -21.59
CA GLY A 282 -20.98 -25.07 -22.30
C GLY A 282 -19.89 -25.68 -21.44
N LEU A 283 -19.78 -25.26 -20.18
CA LEU A 283 -18.76 -25.82 -19.27
C LEU A 283 -19.43 -26.53 -18.09
N LYS A 284 -18.97 -27.74 -17.80
CA LYS A 284 -19.54 -28.58 -16.75
C LYS A 284 -19.37 -28.13 -15.29
N VAL A 285 -18.35 -27.34 -14.98
CA VAL A 285 -18.16 -26.91 -13.61
C VAL A 285 -18.16 -25.40 -13.43
N PRO A 286 -19.00 -24.90 -12.51
CA PRO A 286 -19.05 -23.45 -12.28
C PRO A 286 -17.74 -22.98 -11.69
N VAL A 287 -17.44 -21.70 -11.86
CA VAL A 287 -16.22 -21.13 -11.33
C VAL A 287 -16.59 -19.98 -10.41
N PHE A 288 -15.90 -19.88 -9.28
CA PHE A 288 -16.14 -18.79 -8.33
C PHE A 288 -15.15 -17.67 -8.64
N TYR A 289 -15.64 -16.47 -8.92
CA TYR A 289 -14.75 -15.35 -9.14
C TYR A 289 -14.89 -14.57 -7.84
N ALA A 290 -13.77 -14.29 -7.18
CA ALA A 290 -13.80 -13.55 -5.92
C ALA A 290 -12.97 -12.27 -5.94
N LEU A 291 -13.50 -11.24 -5.29
CA LEU A 291 -12.82 -9.95 -5.21
C LEU A 291 -12.27 -9.69 -3.80
N PHE A 292 -10.96 -9.46 -3.73
CA PHE A 292 -10.31 -9.21 -2.43
C PHE A 292 -9.54 -7.89 -2.32
N THR A 293 -9.36 -7.45 -1.08
CA THR A 293 -8.55 -6.27 -0.80
C THR A 293 -7.65 -6.73 0.36
N PRO A 294 -6.52 -6.05 0.58
CA PRO A 294 -5.63 -6.46 1.68
C PRO A 294 -6.09 -5.83 2.97
N GLN A 295 -5.87 -6.51 4.09
CA GLN A 295 -6.24 -5.92 5.37
C GLN A 295 -5.09 -5.01 5.81
N LEU A 296 -3.87 -5.44 5.54
CA LEU A 296 -2.67 -4.70 5.93
C LEU A 296 -2.06 -3.73 4.91
N ASN A 297 -1.82 -2.51 5.35
CA ASN A 297 -1.20 -1.50 4.51
C ASN A 297 -1.94 -1.28 3.21
N ASN A 298 -3.26 -1.21 3.31
CA ASN A 298 -4.07 -1.00 2.12
C ASN A 298 -4.08 0.46 1.70
N VAL A 299 -3.17 0.78 0.79
CA VAL A 299 -3.06 2.14 0.25
C VAL A 299 -4.12 2.28 -0.85
N GLY A 300 -4.66 1.14 -1.29
CA GLY A 300 -5.67 1.12 -2.33
C GLY A 300 -5.33 0.04 -3.34
N LEU A 301 -5.32 -1.21 -2.88
CA LEU A 301 -5.00 -2.35 -3.76
C LEU A 301 -6.23 -3.26 -3.81
N SER A 302 -6.47 -3.88 -4.96
CA SER A 302 -7.60 -4.77 -5.12
C SER A 302 -7.13 -5.93 -5.98
N ALA A 303 -7.75 -7.09 -5.79
CA ALA A 303 -7.37 -8.27 -6.57
C ALA A 303 -8.59 -9.15 -6.86
N VAL A 304 -8.51 -9.88 -7.97
CA VAL A 304 -9.57 -10.78 -8.38
C VAL A 304 -8.96 -12.15 -8.56
N CYS A 305 -9.52 -13.16 -7.91
CA CYS A 305 -9.00 -14.51 -8.02
C CYS A 305 -10.15 -15.43 -8.49
N ALA A 306 -9.84 -16.44 -9.30
CA ALA A 306 -10.86 -17.36 -9.80
C ALA A 306 -10.57 -18.75 -9.25
N TYR A 307 -11.60 -19.42 -8.74
CA TYR A 307 -11.44 -20.75 -8.14
C TYR A 307 -12.31 -21.81 -8.80
N ASN A 308 -11.74 -22.99 -8.99
CA ASN A 308 -12.50 -24.10 -9.56
C ASN A 308 -13.28 -24.75 -8.43
N LEU A 309 -14.57 -24.95 -8.62
CA LEU A 309 -15.39 -25.57 -7.58
C LEU A 309 -14.84 -26.93 -7.13
N SER A 310 -14.26 -27.66 -8.08
CA SER A 310 -13.68 -28.98 -7.81
C SER A 310 -12.50 -28.89 -6.87
N THR A 311 -11.85 -27.74 -6.83
CA THR A 311 -10.72 -27.54 -5.94
C THR A 311 -11.27 -27.42 -4.54
N ALA A 312 -12.37 -26.69 -4.40
CA ALA A 312 -12.99 -26.50 -3.10
C ALA A 312 -13.55 -27.83 -2.61
N GLU A 313 -14.14 -28.60 -3.53
CA GLU A 313 -14.75 -29.87 -3.19
C GLU A 313 -13.76 -30.94 -2.73
N GLU A 314 -12.56 -30.92 -3.30
CA GLU A 314 -11.54 -31.89 -2.93
C GLU A 314 -11.05 -31.64 -1.51
N VAL A 315 -11.04 -30.38 -1.09
CA VAL A 315 -10.56 -30.05 0.25
C VAL A 315 -11.57 -30.53 1.30
N PHE A 316 -12.84 -30.27 1.06
CA PHE A 316 -13.87 -30.66 2.00
C PHE A 316 -14.08 -32.17 2.01
N SER A 317 -13.85 -32.81 0.87
CA SER A 317 -14.07 -34.26 0.78
C SER A 317 -12.85 -35.12 1.06
N HIS A 318 -11.66 -34.57 0.88
CA HIS A 318 -10.46 -35.38 1.09
C HIS A 318 -9.33 -34.71 1.86
N GLY A 319 -9.53 -33.47 2.29
CA GLY A 319 -8.45 -32.81 3.01
C GLY A 319 -8.45 -33.13 4.48
N LYS A 320 -7.38 -32.74 5.16
CA LYS A 320 -7.23 -32.97 6.59
C LYS A 320 -7.98 -31.87 7.33
N TYR A 321 -8.38 -32.14 8.55
CA TYR A 321 -9.07 -31.13 9.36
C TYR A 321 -8.01 -30.49 10.23
N MET A 322 -8.37 -29.39 10.87
CA MET A 322 -7.46 -28.72 11.78
C MET A 322 -8.02 -29.10 13.14
N GLN A 323 -7.18 -29.06 14.16
CA GLN A 323 -7.65 -29.43 15.48
C GLN A 323 -7.16 -28.45 16.53
N SER A 324 -8.06 -28.08 17.42
CA SER A 324 -7.73 -27.16 18.48
C SER A 324 -7.04 -27.94 19.58
N THR A 325 -5.72 -27.89 19.60
CA THR A 325 -4.96 -28.57 20.63
C THR A 325 -4.83 -27.54 21.75
N THR A 326 -5.25 -27.91 22.95
CA THR A 326 -5.23 -27.03 24.13
C THR A 326 -6.10 -25.80 23.86
N VAL A 327 -7.14 -25.63 24.69
CA VAL A 327 -8.06 -24.49 24.58
C VAL A 327 -8.38 -23.87 25.95
N GLU A 328 -7.49 -22.99 26.40
CA GLU A 328 -7.65 -22.29 27.67
C GLU A 328 -6.58 -21.21 27.85
N GLN A 329 -6.11 -21.04 29.08
CA GLN A 329 -5.10 -20.03 29.39
C GLN A 329 -3.72 -20.38 28.85
N SER A 330 -3.49 -21.65 28.54
CA SER A 330 -2.20 -22.03 27.95
C SER A 330 -2.34 -21.52 26.51
N HIS A 331 -3.59 -21.19 26.17
CA HIS A 331 -4.00 -20.65 24.87
C HIS A 331 -4.33 -21.66 23.78
N THR A 332 -5.44 -21.41 23.10
CA THR A 332 -5.95 -22.27 22.01
C THR A 332 -5.14 -22.25 20.73
N LYS A 333 -4.48 -23.36 20.42
CA LYS A 333 -3.68 -23.46 19.20
C LYS A 333 -4.32 -24.40 18.20
N TRP A 334 -4.44 -23.94 16.96
CA TRP A 334 -5.03 -24.75 15.89
C TRP A 334 -3.94 -25.33 15.01
N VAL A 335 -3.95 -26.64 14.88
CA VAL A 335 -2.95 -27.32 14.08
C VAL A 335 -3.56 -28.43 13.23
N ARG A 336 -2.81 -28.92 12.25
CA ARG A 336 -3.29 -29.98 11.39
C ARG A 336 -3.59 -31.22 12.22
N TYR A 337 -4.72 -31.84 11.95
CA TYR A 337 -5.11 -33.05 12.66
C TYR A 337 -4.61 -34.24 11.86
N ASN A 338 -3.80 -35.08 12.49
CA ASN A 338 -3.23 -36.24 11.80
C ASN A 338 -3.85 -37.59 12.21
N GLY A 339 -4.68 -37.58 13.25
CA GLY A 339 -5.29 -38.82 13.70
C GLY A 339 -6.23 -39.49 12.71
N PRO A 340 -7.10 -40.41 13.18
CA PRO A 340 -8.04 -41.10 12.31
C PRO A 340 -9.34 -40.31 12.22
N VAL A 341 -10.03 -40.46 11.09
CA VAL A 341 -11.28 -39.76 10.84
C VAL A 341 -12.48 -40.71 10.91
N PRO A 342 -13.51 -40.36 11.70
CA PRO A 342 -14.73 -41.17 11.87
C PRO A 342 -15.24 -41.65 10.52
N LYS A 343 -15.65 -42.91 10.44
CA LYS A 343 -16.11 -43.46 9.17
C LYS A 343 -17.05 -42.55 8.40
N PRO A 344 -18.32 -42.43 8.84
CA PRO A 344 -19.08 -41.50 7.98
C PRO A 344 -18.29 -40.20 8.11
N ARG A 345 -17.69 -39.76 7.02
CA ARG A 345 -16.87 -38.57 7.08
C ARG A 345 -17.60 -37.38 7.65
N PRO A 346 -17.03 -36.78 8.70
CA PRO A 346 -17.63 -35.60 9.33
C PRO A 346 -17.79 -34.48 8.31
N GLY A 347 -18.99 -33.91 8.27
CA GLY A 347 -19.24 -32.81 7.35
C GLY A 347 -19.73 -33.23 5.98
N ALA A 348 -19.65 -34.51 5.67
CA ALA A 348 -20.10 -35.02 4.38
C ALA A 348 -21.62 -35.06 4.23
N CYS A 349 -22.10 -34.90 3.00
CA CYS A 349 -23.52 -34.94 2.72
C CYS A 349 -23.85 -36.42 2.68
N ILE A 350 -25.06 -36.78 3.07
CA ILE A 350 -25.46 -38.19 3.03
C ILE A 350 -25.38 -38.62 1.57
N ASP A 351 -24.60 -39.66 1.30
CA ASP A 351 -24.45 -40.14 -0.07
C ASP A 351 -24.74 -41.62 -0.24
N SER A 352 -24.31 -42.17 -1.38
CA SER A 352 -24.51 -43.57 -1.71
C SER A 352 -24.02 -44.49 -0.59
N GLU A 353 -22.75 -44.35 -0.23
CA GLU A 353 -22.16 -45.16 0.84
C GLU A 353 -22.93 -45.00 2.15
N ALA A 354 -23.04 -43.76 2.63
CA ALA A 354 -23.75 -43.47 3.87
C ALA A 354 -25.13 -44.12 3.82
N ARG A 355 -25.81 -43.94 2.70
CA ARG A 355 -27.14 -44.49 2.50
C ARG A 355 -27.06 -46.02 2.44
N ALA A 356 -26.05 -46.51 1.74
CA ALA A 356 -25.84 -47.96 1.61
C ALA A 356 -25.17 -48.48 2.88
N ALA A 357 -25.67 -48.01 4.02
CA ALA A 357 -25.15 -48.41 5.33
C ALA A 357 -26.20 -48.03 6.37
N ASN A 358 -27.41 -47.79 5.88
CA ASN A 358 -28.57 -47.43 6.70
C ASN A 358 -28.65 -45.96 7.10
N TYR A 359 -27.57 -45.21 6.89
CA TYR A 359 -27.59 -43.79 7.23
C TYR A 359 -28.35 -43.08 6.13
N THR A 360 -29.65 -42.89 6.36
CA THR A 360 -30.50 -42.24 5.37
C THR A 360 -30.59 -40.74 5.57
N SER A 361 -30.43 -40.28 6.79
CA SER A 361 -30.49 -38.86 7.10
C SER A 361 -29.48 -38.52 8.18
N SER A 362 -29.14 -37.25 8.30
CA SER A 362 -28.18 -36.78 9.29
C SER A 362 -28.58 -37.19 10.70
N LEU A 363 -29.89 -37.33 10.92
CA LEU A 363 -30.43 -37.70 12.23
C LEU A 363 -30.00 -39.05 12.78
N ASN A 364 -29.49 -39.93 11.92
CA ASN A 364 -29.06 -41.23 12.38
C ASN A 364 -27.57 -41.45 12.15
N LEU A 365 -26.82 -40.36 12.05
CA LEU A 365 -25.38 -40.47 11.85
C LEU A 365 -24.80 -40.82 13.21
N PRO A 366 -23.67 -41.54 13.25
CA PRO A 366 -23.07 -41.90 14.55
C PRO A 366 -22.65 -40.65 15.31
N ASP A 367 -22.69 -40.73 16.65
CA ASP A 367 -22.31 -39.61 17.49
C ASP A 367 -20.83 -39.32 17.34
N LYS A 368 -20.06 -40.34 16.95
CA LYS A 368 -18.64 -40.18 16.75
C LYS A 368 -18.45 -39.19 15.62
N THR A 369 -19.10 -39.46 14.50
CA THR A 369 -19.01 -38.59 13.34
C THR A 369 -19.53 -37.19 13.65
N LEU A 370 -20.63 -37.11 14.41
CA LEU A 370 -21.24 -35.83 14.76
C LEU A 370 -20.43 -35.03 15.76
N GLN A 371 -19.81 -35.72 16.71
CA GLN A 371 -19.00 -35.03 17.69
C GLN A 371 -17.76 -34.47 17.02
N PHE A 372 -17.22 -35.24 16.07
CA PHE A 372 -16.04 -34.81 15.36
C PHE A 372 -16.28 -33.53 14.57
N VAL A 373 -17.33 -33.52 13.75
CA VAL A 373 -17.64 -32.35 12.93
C VAL A 373 -17.90 -31.10 13.80
N LYS A 374 -18.55 -31.30 14.94
CA LYS A 374 -18.87 -30.21 15.83
C LYS A 374 -17.61 -29.59 16.41
N ASP A 375 -16.51 -30.35 16.41
CA ASP A 375 -15.26 -29.86 16.97
C ASP A 375 -14.19 -29.54 15.94
N HIS A 376 -14.39 -29.98 14.70
CA HIS A 376 -13.43 -29.74 13.64
C HIS A 376 -14.07 -29.12 12.41
N PRO A 377 -14.65 -27.91 12.53
CA PRO A 377 -15.27 -27.29 11.36
C PRO A 377 -14.29 -26.67 10.35
N LEU A 378 -13.04 -26.48 10.76
CA LEU A 378 -12.03 -25.87 9.92
C LEU A 378 -11.15 -26.90 9.23
N MET A 379 -10.99 -26.75 7.92
CA MET A 379 -10.15 -27.67 7.14
C MET A 379 -8.72 -27.16 7.21
N ASP A 380 -7.76 -28.08 7.08
CA ASP A 380 -6.35 -27.68 7.15
C ASP A 380 -5.84 -27.10 5.85
N ASP A 381 -6.39 -27.57 4.73
CA ASP A 381 -5.96 -27.11 3.42
C ASP A 381 -6.62 -25.80 3.00
N SER A 382 -5.92 -25.03 2.18
CA SER A 382 -6.40 -23.76 1.66
C SER A 382 -6.98 -24.02 0.28
N VAL A 383 -8.03 -23.29 -0.07
CA VAL A 383 -8.61 -23.42 -1.41
C VAL A 383 -7.83 -22.38 -2.20
N THR A 384 -7.07 -22.84 -3.19
CA THR A 384 -6.24 -21.95 -4.00
C THR A 384 -6.85 -21.61 -5.35
N PRO A 385 -6.49 -20.43 -5.91
CA PRO A 385 -7.05 -20.03 -7.19
C PRO A 385 -6.51 -20.78 -8.37
N ILE A 386 -7.23 -20.67 -9.48
CA ILE A 386 -6.83 -21.31 -10.70
C ILE A 386 -5.49 -20.68 -11.10
N ASP A 387 -4.50 -21.53 -11.35
CA ASP A 387 -3.16 -21.09 -11.75
C ASP A 387 -2.37 -20.60 -10.55
N ASN A 388 -2.93 -20.78 -9.37
CA ASN A 388 -2.30 -20.38 -8.12
C ASN A 388 -1.90 -18.91 -8.03
N ARG A 389 -2.56 -18.06 -8.81
CA ARG A 389 -2.28 -16.62 -8.80
C ARG A 389 -3.55 -15.83 -9.08
N PRO A 390 -3.56 -14.54 -8.72
CA PRO A 390 -4.75 -13.72 -8.97
C PRO A 390 -4.95 -13.50 -10.47
N ARG A 391 -6.19 -13.31 -10.87
CA ARG A 391 -6.52 -13.07 -12.27
C ARG A 391 -6.19 -11.63 -12.62
N LEU A 392 -6.25 -10.77 -11.61
CA LEU A 392 -6.01 -9.34 -11.80
C LEU A 392 -5.67 -8.67 -10.48
N ILE A 393 -4.63 -7.85 -10.47
CA ILE A 393 -4.23 -7.09 -9.29
C ILE A 393 -4.15 -5.64 -9.75
N LYS A 394 -4.81 -4.74 -9.05
CA LYS A 394 -4.81 -3.36 -9.49
C LYS A 394 -4.49 -2.39 -8.37
N LYS A 395 -3.55 -1.48 -8.65
CA LYS A 395 -3.13 -0.44 -7.73
C LYS A 395 -4.01 0.80 -7.92
N ASP A 396 -4.11 1.62 -6.87
CA ASP A 396 -4.87 2.86 -6.93
C ASP A 396 -6.37 2.72 -7.23
N VAL A 397 -6.98 1.66 -6.72
CA VAL A 397 -8.42 1.49 -6.93
C VAL A 397 -8.99 0.57 -5.87
N ASN A 398 -10.12 0.96 -5.31
CA ASN A 398 -10.80 0.15 -4.32
C ASN A 398 -12.04 -0.43 -5.00
N TYR A 399 -11.95 -1.68 -5.47
CA TYR A 399 -13.06 -2.34 -6.15
C TYR A 399 -14.07 -2.82 -5.09
N THR A 400 -15.35 -2.74 -5.41
CA THR A 400 -16.39 -3.15 -4.47
C THR A 400 -17.25 -4.36 -4.85
N GLN A 401 -17.44 -4.59 -6.15
CA GLN A 401 -18.28 -5.70 -6.63
C GLN A 401 -17.76 -6.24 -7.93
N ILE A 402 -18.22 -7.43 -8.28
CA ILE A 402 -17.82 -8.05 -9.52
C ILE A 402 -18.88 -8.98 -10.09
N VAL A 403 -19.07 -8.88 -11.41
CA VAL A 403 -19.95 -9.79 -12.14
C VAL A 403 -19.09 -10.21 -13.36
N VAL A 404 -19.29 -11.43 -13.84
CA VAL A 404 -18.51 -11.92 -14.97
C VAL A 404 -19.42 -12.45 -16.06
N ASP A 405 -19.16 -12.01 -17.29
CA ASP A 405 -19.92 -12.41 -18.46
C ASP A 405 -19.09 -13.25 -19.41
N ARG A 406 -19.53 -14.46 -19.69
CA ARG A 406 -18.80 -15.31 -20.63
C ARG A 406 -19.29 -15.01 -22.05
N THR A 407 -18.40 -14.49 -22.89
CA THR A 407 -18.80 -14.17 -24.26
C THR A 407 -17.81 -14.69 -25.30
N GLN A 408 -18.30 -14.87 -26.52
CA GLN A 408 -17.49 -15.39 -27.62
C GLN A 408 -17.09 -14.34 -28.65
N ALA A 409 -15.79 -14.20 -28.89
CA ALA A 409 -15.33 -13.25 -29.89
C ALA A 409 -15.75 -13.77 -31.26
N LEU A 410 -15.71 -12.90 -32.26
CA LEU A 410 -16.08 -13.28 -33.63
C LEU A 410 -15.48 -14.62 -34.04
N ASP A 411 -14.25 -14.87 -33.62
CA ASP A 411 -13.53 -16.10 -33.95
C ASP A 411 -13.86 -17.31 -33.07
N GLY A 412 -14.90 -17.21 -32.26
CA GLY A 412 -15.26 -18.31 -31.40
C GLY A 412 -14.57 -18.38 -30.04
N THR A 413 -13.48 -17.65 -29.89
CA THR A 413 -12.75 -17.66 -28.61
C THR A 413 -13.70 -17.17 -27.53
N VAL A 414 -13.72 -17.89 -26.41
CA VAL A 414 -14.58 -17.52 -25.29
C VAL A 414 -13.82 -16.67 -24.29
N TYR A 415 -14.43 -15.57 -23.85
CA TYR A 415 -13.79 -14.69 -22.89
C TYR A 415 -14.64 -14.50 -21.65
N ASP A 416 -13.98 -14.45 -20.50
CA ASP A 416 -14.65 -14.22 -19.24
C ASP A 416 -14.42 -12.74 -18.91
N VAL A 417 -15.32 -11.90 -19.41
CA VAL A 417 -15.20 -10.47 -19.19
C VAL A 417 -15.60 -10.13 -17.78
N MET A 418 -14.68 -9.52 -17.04
CA MET A 418 -14.92 -9.11 -15.66
C MET A 418 -15.40 -7.66 -15.58
N PHE A 419 -16.53 -7.43 -14.92
CA PHE A 419 -17.04 -6.07 -14.72
C PHE A 419 -16.89 -5.83 -13.21
N VAL A 420 -16.05 -4.89 -12.84
CA VAL A 420 -15.81 -4.62 -11.44
C VAL A 420 -16.05 -3.15 -11.14
N SER A 421 -16.86 -2.86 -10.12
CA SER A 421 -17.14 -1.47 -9.77
C SER A 421 -16.18 -0.94 -8.72
N THR A 422 -16.19 0.37 -8.50
CA THR A 422 -15.32 1.00 -7.52
C THR A 422 -16.07 1.79 -6.45
N ASP A 423 -15.36 2.11 -5.38
CA ASP A 423 -15.94 2.88 -4.28
C ASP A 423 -16.09 4.36 -4.67
N ARG A 424 -15.84 4.68 -5.94
CA ARG A 424 -16.00 6.04 -6.41
C ARG A 424 -17.07 6.11 -7.51
N GLY A 425 -17.86 5.04 -7.63
CA GLY A 425 -18.92 4.98 -8.60
C GLY A 425 -18.60 4.65 -10.05
N ALA A 426 -17.44 4.06 -10.31
CA ALA A 426 -17.06 3.72 -11.67
C ALA A 426 -17.18 2.23 -11.91
N LEU A 427 -17.03 1.83 -13.17
CA LEU A 427 -17.12 0.43 -13.57
C LEU A 427 -16.00 0.17 -14.57
N HIS A 428 -15.18 -0.84 -14.30
CA HIS A 428 -14.08 -1.23 -15.18
C HIS A 428 -14.45 -2.52 -15.89
N LYS A 429 -14.10 -2.64 -17.17
CA LYS A 429 -14.39 -3.85 -17.91
C LYS A 429 -13.03 -4.40 -18.30
N ALA A 430 -12.77 -5.63 -17.88
CA ALA A 430 -11.48 -6.25 -18.12
C ALA A 430 -11.59 -7.68 -18.58
N ILE A 431 -10.55 -8.11 -19.29
CA ILE A 431 -10.45 -9.47 -19.79
C ILE A 431 -8.98 -9.82 -19.65
N SER A 432 -8.70 -11.07 -19.35
CA SER A 432 -7.32 -11.49 -19.24
C SER A 432 -6.91 -11.81 -20.67
N LEU A 433 -5.86 -11.18 -21.14
CA LEU A 433 -5.40 -11.41 -22.52
C LEU A 433 -4.05 -12.12 -22.49
N GLU A 434 -4.06 -13.34 -21.97
CA GLU A 434 -2.87 -14.20 -21.85
C GLU A 434 -1.59 -13.44 -22.15
N HIS A 435 -0.84 -13.13 -21.09
CA HIS A 435 0.40 -12.38 -21.11
C HIS A 435 0.18 -11.15 -20.24
N ALA A 436 -1.09 -10.84 -20.02
CA ALA A 436 -1.47 -9.69 -19.21
C ALA A 436 -2.98 -9.51 -19.14
N VAL A 437 -3.41 -8.52 -18.36
CA VAL A 437 -4.80 -8.21 -18.20
C VAL A 437 -5.05 -6.98 -19.03
N HIS A 438 -6.13 -6.99 -19.80
CA HIS A 438 -6.47 -5.84 -20.61
C HIS A 438 -7.72 -5.17 -20.03
N ILE A 439 -7.59 -3.94 -19.53
CA ILE A 439 -8.75 -3.23 -19.02
C ILE A 439 -9.27 -2.39 -20.16
N ILE A 440 -10.28 -2.93 -20.83
CA ILE A 440 -10.86 -2.28 -21.98
C ILE A 440 -11.26 -0.84 -21.74
N GLU A 441 -12.03 -0.60 -20.69
CA GLU A 441 -12.47 0.75 -20.44
C GLU A 441 -12.99 0.90 -19.04
N GLU A 442 -13.29 2.15 -18.68
CA GLU A 442 -13.87 2.49 -17.40
C GLU A 442 -14.91 3.55 -17.68
N THR A 443 -16.04 3.43 -16.99
CA THR A 443 -17.16 4.34 -17.15
C THR A 443 -17.62 4.85 -15.81
N GLN A 444 -17.87 6.14 -15.72
CA GLN A 444 -18.34 6.75 -14.48
C GLN A 444 -19.84 6.57 -14.42
N LEU A 445 -20.29 5.57 -13.67
CA LEU A 445 -21.71 5.28 -13.55
C LEU A 445 -22.42 6.32 -12.71
N PHE A 446 -21.86 6.66 -11.55
CA PHE A 446 -22.48 7.65 -10.69
C PHE A 446 -21.68 8.94 -10.68
N GLN A 447 -22.29 10.01 -11.18
CA GLN A 447 -21.65 11.32 -11.24
C GLN A 447 -21.37 11.92 -9.86
N ASP A 448 -22.06 11.43 -8.83
CA ASP A 448 -21.83 11.94 -7.48
C ASP A 448 -20.68 11.17 -6.83
N PHE A 449 -20.12 10.22 -7.56
CA PHE A 449 -19.01 9.41 -7.06
C PHE A 449 -19.39 8.51 -5.90
N GLU A 450 -20.65 8.11 -5.84
CA GLU A 450 -21.11 7.22 -4.78
C GLU A 450 -20.50 5.84 -5.01
N PRO A 451 -20.06 5.17 -3.94
CA PRO A 451 -19.50 3.83 -4.15
C PRO A 451 -20.59 2.89 -4.70
N VAL A 452 -20.21 1.97 -5.58
CA VAL A 452 -21.19 1.04 -6.12
C VAL A 452 -21.34 -0.05 -5.08
N GLN A 453 -22.57 -0.30 -4.65
CA GLN A 453 -22.82 -1.30 -3.60
C GLN A 453 -23.30 -2.64 -4.09
N THR A 454 -23.90 -2.68 -5.27
CA THR A 454 -24.39 -3.94 -5.79
C THR A 454 -24.39 -3.94 -7.31
N LEU A 455 -24.10 -5.10 -7.90
CA LEU A 455 -24.05 -5.23 -9.35
C LEU A 455 -24.87 -6.44 -9.81
N LEU A 456 -25.49 -6.34 -10.98
CA LEU A 456 -26.29 -7.44 -11.51
C LEU A 456 -26.35 -7.42 -13.04
N LEU A 457 -26.01 -8.55 -13.64
CA LEU A 457 -26.02 -8.72 -15.09
C LEU A 457 -27.45 -9.02 -15.56
N SER A 458 -27.85 -8.46 -16.69
CA SER A 458 -29.19 -8.73 -17.22
C SER A 458 -29.14 -10.14 -17.78
N SER A 459 -30.30 -10.81 -17.81
CA SER A 459 -30.33 -12.18 -18.30
C SER A 459 -31.26 -12.39 -19.49
N LYS A 460 -32.19 -11.47 -19.70
CA LYS A 460 -33.12 -11.60 -20.82
C LYS A 460 -32.40 -11.88 -22.13
N LYS A 461 -33.05 -12.66 -22.98
CA LYS A 461 -32.51 -12.96 -24.31
C LYS A 461 -32.48 -11.60 -25.00
N GLY A 462 -31.40 -11.30 -25.72
CA GLY A 462 -31.33 -10.03 -26.42
C GLY A 462 -30.17 -9.16 -26.00
N ASN A 463 -30.43 -7.86 -25.86
CA ASN A 463 -29.41 -6.89 -25.45
C ASN A 463 -29.05 -7.11 -23.99
N ARG A 464 -27.75 -7.11 -23.70
CA ARG A 464 -27.27 -7.32 -22.35
C ARG A 464 -26.92 -6.01 -21.64
N PHE A 465 -27.20 -5.97 -20.34
CA PHE A 465 -26.93 -4.79 -19.51
C PHE A 465 -26.39 -5.22 -18.15
N VAL A 466 -25.86 -4.23 -17.42
CA VAL A 466 -25.36 -4.43 -16.07
C VAL A 466 -26.11 -3.38 -15.29
N TYR A 467 -26.61 -3.74 -14.12
CA TYR A 467 -27.32 -2.80 -13.27
C TYR A 467 -26.40 -2.57 -12.08
N ALA A 468 -26.25 -1.32 -11.66
CA ALA A 468 -25.38 -0.99 -10.54
C ALA A 468 -26.19 -0.16 -9.55
N GLY A 469 -26.15 -0.55 -8.28
CA GLY A 469 -26.91 0.19 -7.29
C GLY A 469 -26.03 0.89 -6.28
N SER A 470 -26.45 2.09 -5.88
CA SER A 470 -25.71 2.85 -4.89
C SER A 470 -26.69 3.58 -3.96
N ASN A 471 -26.15 4.43 -3.09
CA ASN A 471 -26.98 5.17 -2.15
C ASN A 471 -27.92 6.13 -2.87
N SER A 472 -27.46 6.67 -4.00
CA SER A 472 -28.23 7.64 -4.79
C SER A 472 -29.11 7.11 -5.91
N GLY A 473 -29.03 5.83 -6.24
CA GLY A 473 -29.88 5.31 -7.28
C GLY A 473 -29.34 4.07 -7.96
N VAL A 474 -29.96 3.71 -9.08
CA VAL A 474 -29.53 2.55 -9.85
C VAL A 474 -29.18 3.02 -11.24
N VAL A 475 -28.17 2.38 -11.82
CA VAL A 475 -27.75 2.74 -13.16
C VAL A 475 -27.71 1.50 -14.02
N GLN A 476 -28.21 1.64 -15.26
CA GLN A 476 -28.24 0.53 -16.20
C GLN A 476 -27.26 0.87 -17.32
N ALA A 477 -26.34 -0.03 -17.61
CA ALA A 477 -25.38 0.18 -18.66
C ALA A 477 -25.28 -1.02 -19.56
N PRO A 478 -25.01 -0.78 -20.85
CA PRO A 478 -24.89 -1.89 -21.80
C PRO A 478 -23.53 -2.51 -21.53
N LEU A 479 -23.30 -3.73 -21.98
CA LEU A 479 -22.02 -4.38 -21.74
C LEU A 479 -20.89 -3.73 -22.56
N ALA A 480 -21.25 -2.97 -23.60
CA ALA A 480 -20.24 -2.30 -24.44
C ALA A 480 -20.81 -1.06 -25.12
N PHE A 481 -19.91 -0.18 -25.59
CA PHE A 481 -20.29 1.06 -26.29
C PHE A 481 -19.66 1.04 -27.68
N CYS A 482 -19.80 -0.09 -28.36
CA CYS A 482 -19.22 -0.28 -29.68
C CYS A 482 -19.44 0.91 -30.60
N GLY A 483 -20.64 1.44 -30.59
CA GLY A 483 -20.94 2.57 -31.44
C GLY A 483 -20.03 3.76 -31.21
N LYS A 484 -19.46 3.87 -30.01
CA LYS A 484 -18.57 5.00 -29.71
C LYS A 484 -17.29 5.00 -30.55
N HIS A 485 -16.94 3.86 -31.14
CA HIS A 485 -15.74 3.78 -31.97
C HIS A 485 -16.12 4.13 -33.42
N GLY A 486 -15.64 5.29 -33.90
CA GLY A 486 -15.98 5.75 -35.25
C GLY A 486 -15.32 5.14 -36.47
N THR A 487 -14.26 4.36 -36.29
CA THR A 487 -13.60 3.74 -37.42
C THR A 487 -13.12 2.36 -37.08
N CYS A 488 -12.98 1.55 -38.11
CA CYS A 488 -12.54 0.17 -37.98
C CYS A 488 -11.28 0.01 -37.14
N GLU A 489 -10.28 0.87 -37.33
CA GLU A 489 -9.03 0.77 -36.59
C GLU A 489 -9.28 0.87 -35.09
N ASP A 490 -10.18 1.77 -34.72
CA ASP A 490 -10.51 2.00 -33.31
C ASP A 490 -11.33 0.85 -32.73
N CYS A 491 -12.32 0.40 -33.48
CA CYS A 491 -13.17 -0.71 -33.06
C CYS A 491 -12.30 -1.93 -32.83
N VAL A 492 -11.28 -2.08 -33.68
CA VAL A 492 -10.35 -3.20 -33.61
C VAL A 492 -9.31 -3.05 -32.52
N LEU A 493 -8.87 -1.82 -32.28
CA LEU A 493 -7.87 -1.53 -31.27
C LEU A 493 -8.44 -1.61 -29.85
N ALA A 494 -9.75 -1.45 -29.72
CA ALA A 494 -10.39 -1.51 -28.43
C ALA A 494 -10.13 -2.90 -27.84
N ARG A 495 -10.01 -3.90 -28.71
CA ARG A 495 -9.79 -5.28 -28.28
C ARG A 495 -10.91 -5.67 -27.30
N ASP A 496 -12.14 -5.35 -27.68
CA ASP A 496 -13.32 -5.65 -26.90
C ASP A 496 -14.04 -6.79 -27.61
N PRO A 497 -14.18 -7.96 -26.94
CA PRO A 497 -14.84 -9.13 -27.54
C PRO A 497 -16.29 -8.94 -27.95
N TYR A 498 -16.90 -7.84 -27.50
CA TYR A 498 -18.29 -7.56 -27.81
C TYR A 498 -18.45 -6.72 -29.05
N CYS A 499 -17.35 -6.16 -29.55
CA CYS A 499 -17.40 -5.29 -30.71
C CYS A 499 -16.68 -5.78 -31.95
N ALA A 500 -17.30 -5.53 -33.10
CA ALA A 500 -16.75 -5.90 -34.40
C ALA A 500 -17.12 -4.80 -35.38
N TRP A 501 -16.31 -4.63 -36.43
CA TRP A 501 -16.58 -3.59 -37.44
C TRP A 501 -17.45 -4.14 -38.56
N SER A 502 -18.47 -3.37 -38.94
CA SER A 502 -19.37 -3.77 -40.02
C SER A 502 -19.19 -2.80 -41.21
N PRO A 503 -18.39 -3.20 -42.22
CA PRO A 503 -18.10 -2.41 -43.42
C PRO A 503 -19.34 -1.88 -44.13
N PRO A 504 -20.31 -2.76 -44.44
CA PRO A 504 -21.53 -2.34 -45.13
C PRO A 504 -22.26 -1.20 -44.41
N THR A 505 -22.21 -1.20 -43.08
CA THR A 505 -22.87 -0.16 -42.31
C THR A 505 -21.91 0.94 -41.89
N ALA A 506 -20.61 0.67 -41.99
CA ALA A 506 -19.58 1.63 -41.61
C ALA A 506 -19.76 2.00 -40.14
N THR A 507 -19.91 0.99 -39.30
CA THR A 507 -20.09 1.20 -37.87
C THR A 507 -19.49 0.06 -37.08
N CYS A 508 -19.06 0.38 -35.86
CA CYS A 508 -18.51 -0.62 -34.96
C CYS A 508 -19.78 -1.16 -34.29
N VAL A 509 -20.03 -2.45 -34.44
CA VAL A 509 -21.25 -3.04 -33.88
C VAL A 509 -21.05 -4.01 -32.73
N ALA A 510 -22.13 -4.20 -31.97
CA ALA A 510 -22.11 -5.13 -30.86
C ALA A 510 -22.50 -6.48 -31.42
N LEU A 511 -21.62 -7.46 -31.29
CA LEU A 511 -21.88 -8.81 -31.78
C LEU A 511 -23.16 -9.38 -31.18
N HIS A 512 -23.34 -10.68 -31.33
CA HIS A 512 -24.51 -11.38 -30.81
C HIS A 512 -25.64 -10.43 -30.44
N GLN A 513 -26.52 -10.19 -31.41
CA GLN A 513 -27.67 -9.31 -31.30
C GLN A 513 -27.70 -8.50 -32.60
N THR A 514 -26.50 -8.31 -33.15
CA THR A 514 -26.32 -7.57 -34.39
C THR A 514 -26.80 -8.37 -35.59
N GLU A 515 -27.17 -7.64 -36.64
CA GLU A 515 -27.64 -8.24 -37.88
C GLU A 515 -26.52 -8.22 -38.92
N SER A 516 -25.67 -7.19 -38.80
CA SER A 516 -24.53 -6.96 -39.70
C SER A 516 -23.93 -8.21 -40.34
N PRO A 517 -23.16 -8.02 -41.44
CA PRO A 517 -22.49 -9.08 -42.21
C PRO A 517 -21.81 -10.11 -41.33
N SER A 518 -22.59 -11.08 -40.84
CA SER A 518 -22.05 -12.10 -39.96
C SER A 518 -20.59 -12.44 -40.30
N ARG A 519 -20.39 -13.10 -41.43
CA ARG A 519 -19.04 -13.48 -41.85
C ARG A 519 -18.28 -12.29 -42.46
N GLY A 520 -18.94 -11.15 -42.54
CA GLY A 520 -18.32 -9.96 -43.10
C GLY A 520 -17.87 -8.94 -42.06
N LEU A 521 -18.09 -9.25 -40.78
CA LEU A 521 -17.70 -8.35 -39.71
C LEU A 521 -16.19 -8.52 -39.47
N ILE A 522 -15.55 -7.46 -38.99
CA ILE A 522 -14.12 -7.50 -38.73
C ILE A 522 -13.85 -7.35 -37.24
N GLN A 523 -12.91 -8.14 -36.72
CA GLN A 523 -12.53 -8.07 -35.31
C GLN A 523 -11.21 -8.80 -35.10
N GLU A 524 -10.30 -8.17 -34.38
CA GLU A 524 -9.00 -8.75 -34.11
C GLU A 524 -8.63 -8.58 -32.66
N MET A 525 -8.85 -9.62 -31.86
CA MET A 525 -8.53 -9.55 -30.44
C MET A 525 -7.03 -9.37 -30.22
N SER A 526 -6.28 -9.29 -31.30
CA SER A 526 -4.83 -9.11 -31.25
C SER A 526 -4.50 -7.62 -31.37
N GLY A 527 -5.49 -6.84 -31.78
CA GLY A 527 -5.31 -5.41 -31.93
C GLY A 527 -4.67 -5.01 -33.25
N ASP A 528 -4.50 -5.99 -34.13
CA ASP A 528 -3.89 -5.72 -35.44
C ASP A 528 -4.93 -5.11 -36.39
N ALA A 529 -5.03 -3.79 -36.36
CA ALA A 529 -5.97 -3.05 -37.19
C ALA A 529 -5.57 -3.08 -38.66
N SER A 530 -4.45 -3.72 -38.96
CA SER A 530 -3.97 -3.82 -40.33
C SER A 530 -4.99 -4.58 -41.18
N VAL A 531 -5.88 -5.30 -40.51
CA VAL A 531 -6.91 -6.08 -41.20
C VAL A 531 -8.07 -5.21 -41.67
N CYS A 532 -8.06 -3.93 -41.30
CA CYS A 532 -9.13 -3.04 -41.71
C CYS A 532 -9.02 -2.71 -43.21
N PRO A 533 -10.15 -2.40 -43.84
CA PRO A 533 -10.19 -2.09 -45.28
C PRO A 533 -9.60 -0.76 -45.68
N ASP A 534 -9.92 0.29 -44.94
CA ASP A 534 -9.39 1.61 -45.25
C ASP A 534 -8.44 2.03 -44.15
N LYS A 535 -7.75 3.14 -44.38
CA LYS A 535 -6.81 3.69 -43.41
C LYS A 535 -7.21 5.14 -43.13
N SER A 536 -8.22 5.32 -42.28
CA SER A 536 -8.70 6.65 -41.93
C SER A 536 -7.51 7.59 -41.78
N LYS A 537 -7.61 8.77 -42.37
CA LYS A 537 -6.51 9.72 -42.28
C LYS A 537 -6.79 10.83 -41.28
N GLY A 538 -7.63 10.55 -40.31
CA GLY A 538 -7.95 11.54 -39.29
C GLY A 538 -8.72 12.73 -39.78
N SER A 539 -8.70 13.80 -39.00
CA SER A 539 -9.41 15.04 -39.33
C SER A 539 -8.53 15.95 -40.18
N TYR A 540 -9.16 16.67 -41.10
CA TYR A 540 -8.43 17.57 -41.95
C TYR A 540 -9.00 18.96 -41.80
N ARG A 541 -8.12 19.96 -41.72
CA ARG A 541 -8.58 21.32 -41.56
C ARG A 541 -7.57 22.35 -42.04
N GLN A 542 -8.07 23.41 -42.66
CA GLN A 542 -7.21 24.50 -43.15
C GLN A 542 -7.37 25.71 -42.22
N HIS A 543 -6.26 26.39 -41.97
CA HIS A 543 -6.26 27.55 -41.11
C HIS A 543 -5.60 28.75 -41.78
N PHE A 544 -6.13 29.93 -41.50
CA PHE A 544 -5.60 31.16 -42.05
C PHE A 544 -5.47 32.11 -40.87
N PHE A 545 -4.23 32.32 -40.42
CA PHE A 545 -4.00 33.18 -39.27
C PHE A 545 -3.25 34.46 -39.58
N LYS A 546 -3.44 35.45 -38.71
CA LYS A 546 -2.82 36.76 -38.79
C LYS A 546 -1.36 36.67 -38.38
N HIS A 547 -0.46 37.17 -39.23
CA HIS A 547 0.96 37.16 -38.92
C HIS A 547 1.14 37.70 -37.51
N GLY A 548 2.16 37.21 -36.80
CA GLY A 548 2.41 37.64 -35.44
C GLY A 548 1.54 36.91 -34.42
N GLY A 549 0.25 36.78 -34.73
CA GLY A 549 -0.69 36.10 -33.85
C GLY A 549 -0.26 34.71 -33.39
N THR A 550 -1.15 34.01 -32.71
CA THR A 550 -0.85 32.68 -32.20
C THR A 550 -1.84 31.60 -32.66
N ALA A 551 -1.31 30.44 -33.06
CA ALA A 551 -2.14 29.33 -33.53
C ALA A 551 -2.38 28.23 -32.51
N GLU A 552 -3.58 27.66 -32.55
CA GLU A 552 -3.98 26.56 -31.66
C GLU A 552 -4.62 25.48 -32.52
N LEU A 553 -3.90 24.38 -32.70
CA LEU A 553 -4.38 23.27 -33.53
C LEU A 553 -4.93 22.14 -32.68
N LYS A 554 -6.22 21.87 -32.81
CA LYS A 554 -6.89 20.82 -32.05
C LYS A 554 -6.54 19.41 -32.47
N CYS A 555 -6.30 18.57 -31.48
CA CYS A 555 -6.01 17.17 -31.71
C CYS A 555 -6.26 16.44 -30.41
N SER A 556 -6.92 15.29 -30.49
CA SER A 556 -7.20 14.50 -29.31
C SER A 556 -7.75 13.16 -29.71
N GLN A 557 -7.47 12.15 -28.91
CA GLN A 557 -7.94 10.81 -29.19
C GLN A 557 -8.40 10.20 -27.86
N LYS A 558 -9.10 9.06 -27.90
CA LYS A 558 -9.62 8.45 -26.68
C LYS A 558 -8.68 7.57 -25.87
N SER A 559 -7.78 6.85 -26.52
CA SER A 559 -6.85 5.97 -25.82
C SER A 559 -5.88 6.60 -24.81
N ASN A 560 -5.87 6.04 -23.61
CA ASN A 560 -5.00 6.50 -22.53
C ASN A 560 -3.63 5.83 -22.64
N LEU A 561 -3.56 4.77 -23.43
CA LEU A 561 -2.30 4.03 -23.59
C LEU A 561 -1.53 4.35 -24.87
N ALA A 562 -1.96 5.39 -25.57
CA ALA A 562 -1.31 5.78 -26.81
C ALA A 562 -0.58 7.11 -26.63
N ARG A 563 0.60 7.22 -27.23
CA ARG A 563 1.39 8.45 -27.17
C ARG A 563 1.09 9.25 -28.43
N VAL A 564 0.71 10.50 -28.27
CA VAL A 564 0.43 11.31 -29.43
C VAL A 564 1.45 12.42 -29.53
N PHE A 565 1.83 12.76 -30.77
CA PHE A 565 2.82 13.79 -30.98
C PHE A 565 2.55 14.49 -32.29
N TRP A 566 3.15 15.66 -32.45
CA TRP A 566 2.99 16.44 -33.65
C TRP A 566 4.19 16.31 -34.56
N LYS A 567 3.94 16.44 -35.86
CA LYS A 567 4.98 16.37 -36.88
C LYS A 567 4.76 17.57 -37.79
N PHE A 568 5.85 18.12 -38.33
CA PHE A 568 5.76 19.26 -39.22
C PHE A 568 6.90 19.22 -40.21
N GLN A 569 6.57 19.19 -41.49
CA GLN A 569 7.59 19.15 -42.52
C GLN A 569 8.54 17.96 -42.32
N ASN A 570 7.98 16.76 -42.41
CA ASN A 570 8.71 15.51 -42.27
C ASN A 570 9.51 15.32 -40.97
N GLY A 571 9.17 16.07 -39.92
CA GLY A 571 9.91 15.93 -38.68
C GLY A 571 9.08 16.09 -37.42
N VAL A 572 9.50 15.45 -36.33
CA VAL A 572 8.78 15.54 -35.07
C VAL A 572 8.99 16.87 -34.35
N LEU A 573 7.89 17.59 -34.19
CA LEU A 573 7.86 18.89 -33.55
C LEU A 573 8.17 18.80 -32.06
N LYS A 574 9.05 19.69 -31.60
CA LYS A 574 9.42 19.76 -30.19
C LYS A 574 8.64 20.93 -29.63
N ALA A 575 7.51 20.65 -29.01
CA ALA A 575 6.63 21.67 -28.45
C ALA A 575 6.96 22.10 -27.04
N GLU A 576 7.80 23.12 -26.91
CA GLU A 576 8.20 23.62 -25.60
C GLU A 576 7.88 25.11 -25.42
N SER A 577 8.83 25.96 -25.78
CA SER A 577 8.63 27.40 -25.65
C SER A 577 9.88 28.21 -26.02
N PRO A 578 9.71 29.52 -26.23
CA PRO A 578 8.40 30.18 -26.11
C PRO A 578 7.65 29.97 -27.42
N LYS A 579 8.26 29.22 -28.32
CA LYS A 579 7.72 28.93 -29.64
C LYS A 579 6.41 28.13 -29.64
N TYR A 580 6.35 27.08 -28.83
CA TYR A 580 5.16 26.24 -28.77
C TYR A 580 4.43 26.18 -27.43
N GLY A 581 3.23 25.60 -27.48
CA GLY A 581 2.42 25.44 -26.29
C GLY A 581 1.91 24.01 -26.35
N LEU A 582 0.82 23.73 -25.65
CA LEU A 582 0.25 22.39 -25.64
C LEU A 582 -0.98 22.32 -24.75
N MET A 583 -1.94 23.19 -25.02
CA MET A 583 -3.16 23.26 -24.23
C MET A 583 -3.99 21.97 -24.24
N GLY A 584 -3.88 21.21 -23.16
CA GLY A 584 -4.62 19.97 -23.03
C GLY A 584 -3.77 18.75 -23.33
N ARG A 585 -2.45 18.91 -23.28
CA ARG A 585 -1.53 17.80 -23.57
C ARG A 585 -2.09 17.06 -24.79
N LYS A 586 -2.28 17.81 -25.88
CA LYS A 586 -2.83 17.28 -27.12
C LYS A 586 -2.89 18.37 -28.18
N ASN A 587 -3.31 19.56 -27.77
CA ASN A 587 -3.44 20.68 -28.68
C ASN A 587 -2.14 21.45 -28.84
N LEU A 588 -1.76 21.69 -30.09
CA LEU A 588 -0.54 22.42 -30.41
C LEU A 588 -0.79 23.92 -30.41
N LEU A 589 0.17 24.66 -29.87
CA LEU A 589 0.08 26.10 -29.82
C LEU A 589 1.32 26.66 -30.48
N ILE A 590 1.13 27.61 -31.39
CA ILE A 590 2.24 28.24 -32.08
C ILE A 590 2.07 29.73 -31.82
N PHE A 591 3.04 30.30 -31.10
CA PHE A 591 3.00 31.69 -30.67
C PHE A 591 3.38 32.83 -31.60
N ASN A 592 4.63 32.90 -32.05
CA ASN A 592 5.01 33.98 -32.95
C ASN A 592 4.76 33.54 -34.39
N LEU A 593 3.53 33.77 -34.84
CA LEU A 593 3.13 33.38 -36.18
C LEU A 593 3.77 34.20 -37.30
N SER A 594 4.83 33.65 -37.88
CA SER A 594 5.53 34.27 -38.99
C SER A 594 5.38 33.33 -40.17
N GLU A 595 5.84 33.75 -41.35
CA GLU A 595 5.72 32.92 -42.54
C GLU A 595 6.43 31.57 -42.49
N GLY A 596 7.31 31.39 -41.52
CA GLY A 596 8.02 30.12 -41.42
C GLY A 596 7.13 29.02 -40.87
N ASP A 597 6.02 29.43 -40.25
CA ASP A 597 5.07 28.50 -39.66
C ASP A 597 4.05 27.94 -40.66
N SER A 598 4.05 28.48 -41.88
CA SER A 598 3.11 28.02 -42.90
C SER A 598 3.43 26.59 -43.22
N GLY A 599 2.40 25.75 -43.30
CA GLY A 599 2.66 24.37 -43.60
C GLY A 599 1.60 23.40 -43.14
N VAL A 600 1.94 22.13 -43.30
CA VAL A 600 1.07 21.03 -42.95
C VAL A 600 1.50 20.42 -41.60
N TYR A 601 0.58 20.41 -40.64
CA TYR A 601 0.85 19.87 -39.31
C TYR A 601 0.04 18.59 -39.09
N GLN A 602 0.71 17.56 -38.59
CA GLN A 602 0.04 16.30 -38.33
C GLN A 602 0.12 15.86 -36.87
N CYS A 603 -1.00 15.41 -36.34
CA CYS A 603 -1.01 14.91 -34.99
C CYS A 603 -1.11 13.39 -35.13
N LEU A 604 -0.03 12.70 -34.80
CA LEU A 604 0.00 11.24 -34.91
C LEU A 604 -0.13 10.57 -33.55
N SER A 605 -0.49 9.29 -33.57
CA SER A 605 -0.62 8.53 -32.35
C SER A 605 0.02 7.16 -32.54
N GLU A 606 0.72 6.68 -31.51
CA GLU A 606 1.36 5.38 -31.55
C GLU A 606 0.86 4.57 -30.36
N GLU A 607 0.23 3.43 -30.64
CA GLU A 607 -0.26 2.57 -29.58
C GLU A 607 0.31 1.17 -29.74
N ARG A 608 1.08 0.77 -28.74
CA ARG A 608 1.70 -0.54 -28.71
C ARG A 608 0.61 -1.55 -28.33
N VAL A 609 0.25 -2.41 -29.27
CA VAL A 609 -0.78 -3.40 -28.99
C VAL A 609 -0.12 -4.74 -28.67
N LYS A 610 -0.55 -5.83 -29.31
CA LYS A 610 0.04 -7.14 -29.03
C LYS A 610 1.52 -7.24 -29.43
N ASN A 611 1.80 -7.73 -30.65
CA ASN A 611 3.19 -7.84 -31.09
C ASN A 611 3.66 -6.60 -31.83
N LYS A 612 2.79 -6.03 -32.66
CA LYS A 612 3.13 -4.85 -33.44
C LYS A 612 2.58 -3.58 -32.79
N THR A 613 3.16 -2.44 -33.12
CA THR A 613 2.69 -1.17 -32.60
C THR A 613 1.89 -0.52 -33.74
N VAL A 614 0.79 0.14 -33.40
CA VAL A 614 -0.05 0.76 -34.42
C VAL A 614 0.05 2.28 -34.46
N PHE A 615 0.19 2.83 -35.66
CA PHE A 615 0.28 4.28 -35.83
C PHE A 615 -0.98 4.81 -36.52
N GLN A 616 -1.35 6.04 -36.19
CA GLN A 616 -2.54 6.63 -36.78
C GLN A 616 -2.43 8.14 -36.93
N VAL A 617 -3.02 8.68 -37.99
CA VAL A 617 -3.02 10.12 -38.18
C VAL A 617 -4.32 10.56 -37.52
N VAL A 618 -4.21 11.25 -36.40
CA VAL A 618 -5.38 11.71 -35.68
C VAL A 618 -5.94 12.95 -36.34
N ALA A 619 -5.07 13.91 -36.61
CA ALA A 619 -5.49 15.15 -37.25
C ALA A 619 -4.40 15.70 -38.17
N LYS A 620 -4.84 16.32 -39.26
CA LYS A 620 -3.95 16.94 -40.24
C LYS A 620 -4.41 18.39 -40.35
N HIS A 621 -3.49 19.33 -40.21
CA HIS A 621 -3.86 20.75 -40.29
C HIS A 621 -3.01 21.45 -41.34
N VAL A 622 -3.66 22.20 -42.23
CA VAL A 622 -2.94 22.94 -43.24
C VAL A 622 -2.93 24.37 -42.72
N LEU A 623 -1.74 24.82 -42.35
CA LEU A 623 -1.60 26.16 -41.78
C LEU A 623 -0.99 27.19 -42.70
N GLU A 624 -1.71 28.30 -42.85
CA GLU A 624 -1.25 29.40 -43.68
C GLU A 624 -1.24 30.69 -42.87
N VAL A 625 -0.06 31.22 -42.59
CA VAL A 625 0.02 32.47 -41.86
C VAL A 625 0.07 33.53 -42.95
N LYS A 626 -0.84 34.48 -42.88
CA LYS A 626 -0.91 35.53 -43.88
C LYS A 626 -0.12 36.79 -43.54
N VAL A 627 -0.11 37.72 -44.48
CA VAL A 627 0.54 39.01 -44.37
C VAL A 627 0.55 39.71 -45.72
N VAL A 628 0.31 40.94 -45.74
N PHE B 3 -1.13 10.17 6.68
CA PHE B 3 0.16 10.16 5.96
C PHE B 3 0.71 11.56 5.80
N ALA B 4 2.02 11.71 5.97
CA ALA B 4 2.66 13.00 5.84
C ALA B 4 2.44 13.58 4.44
N PRO B 5 2.51 14.91 4.30
CA PRO B 5 2.32 15.57 3.00
C PRO B 5 3.58 15.41 2.17
N ILE B 6 3.57 15.94 0.96
CA ILE B 6 4.73 15.85 0.09
C ILE B 6 5.69 16.96 0.51
N PRO B 7 6.98 16.83 0.18
CA PRO B 7 7.94 17.88 0.56
C PRO B 7 7.38 19.22 0.09
N ARG B 8 7.34 20.21 0.99
CA ARG B 8 6.82 21.51 0.61
C ARG B 8 7.69 22.22 -0.41
N ILE B 9 9.01 22.13 -0.29
CA ILE B 9 9.90 22.78 -1.24
C ILE B 9 10.78 21.72 -1.85
N THR B 10 11.06 21.88 -3.14
CA THR B 10 11.92 20.94 -3.85
C THR B 10 13.17 21.62 -4.39
N TRP B 11 14.33 21.26 -3.84
CA TRP B 11 15.58 21.83 -4.31
C TRP B 11 16.22 20.90 -5.33
N GLU B 12 16.55 21.45 -6.49
CA GLU B 12 17.23 20.68 -7.53
C GLU B 12 18.67 20.50 -7.04
N HIS B 13 19.36 19.47 -7.52
CA HIS B 13 20.74 19.24 -7.12
C HIS B 13 21.58 20.49 -7.38
N ARG B 14 21.24 21.22 -8.45
CA ARG B 14 21.98 22.40 -8.85
C ARG B 14 21.60 23.77 -8.25
N GLU B 15 20.37 23.96 -7.76
CA GLU B 15 20.02 25.27 -7.19
C GLU B 15 20.60 25.46 -5.81
N VAL B 16 20.85 24.36 -5.10
CA VAL B 16 21.45 24.44 -3.78
C VAL B 16 22.86 23.93 -3.98
N HIS B 17 23.80 24.31 -3.13
CA HIS B 17 25.11 23.78 -3.35
C HIS B 17 25.59 22.71 -2.38
N LEU B 18 25.88 21.57 -2.99
CA LEU B 18 26.33 20.39 -2.30
C LEU B 18 27.74 20.07 -2.73
N VAL B 19 28.59 19.80 -1.76
CA VAL B 19 29.98 19.46 -2.03
C VAL B 19 29.97 17.95 -2.20
N GLN B 20 30.73 17.45 -3.15
CA GLN B 20 30.76 16.02 -3.39
C GLN B 20 32.17 15.47 -3.46
N PHE B 21 32.34 14.23 -3.03
CA PHE B 21 33.64 13.59 -3.11
C PHE B 21 33.50 12.24 -3.75
N HIS B 22 34.48 11.88 -4.56
CA HIS B 22 34.52 10.59 -5.23
C HIS B 22 35.88 10.45 -5.90
N GLU B 23 36.36 9.22 -5.98
CA GLU B 23 37.64 8.94 -6.59
C GLU B 23 37.38 8.17 -7.87
N PRO B 24 38.12 8.50 -8.94
CA PRO B 24 37.95 7.81 -10.24
C PRO B 24 38.18 6.30 -10.13
N ASP B 25 37.23 5.54 -10.66
CA ASP B 25 37.29 4.08 -10.64
C ASP B 25 37.05 3.45 -9.27
N ILE B 26 36.91 4.27 -8.23
CA ILE B 26 36.62 3.75 -6.89
C ILE B 26 35.13 3.86 -6.67
N TYR B 27 34.51 2.79 -6.20
CA TYR B 27 33.07 2.81 -5.97
C TYR B 27 32.65 2.30 -4.61
N ASN B 28 31.33 2.28 -4.41
CA ASN B 28 30.70 1.80 -3.19
C ASN B 28 31.23 2.46 -1.90
N TYR B 29 30.87 3.72 -1.70
CA TYR B 29 31.28 4.48 -0.53
C TYR B 29 30.25 4.25 0.57
N SER B 30 30.34 3.11 1.24
CA SER B 30 29.38 2.72 2.26
C SER B 30 29.75 2.95 3.71
N ALA B 31 30.98 3.35 3.98
CA ALA B 31 31.37 3.56 5.36
C ALA B 31 31.92 4.93 5.63
N LEU B 32 31.27 5.65 6.53
CA LEU B 32 31.69 6.99 6.89
C LEU B 32 31.99 7.05 8.37
N LEU B 33 33.07 7.75 8.72
CA LEU B 33 33.48 7.90 10.10
C LEU B 33 34.10 9.29 10.24
N LEU B 34 33.66 10.02 11.26
CA LEU B 34 34.17 11.37 11.51
C LEU B 34 35.30 11.31 12.51
N SER B 35 36.35 12.06 12.25
CA SER B 35 37.50 12.10 13.14
C SER B 35 37.08 12.53 14.53
N GLU B 36 37.65 11.86 15.53
CA GLU B 36 37.36 12.14 16.93
C GLU B 36 37.75 13.56 17.29
N ASP B 37 38.92 13.97 16.82
CA ASP B 37 39.44 15.31 17.09
C ASP B 37 39.38 16.14 15.82
N LYS B 38 40.29 15.85 14.89
CA LYS B 38 40.35 16.57 13.62
C LYS B 38 39.00 16.67 12.92
N ASP B 39 38.89 17.67 12.06
CA ASP B 39 37.69 17.90 11.28
C ASP B 39 37.92 17.16 9.98
N THR B 40 38.03 15.84 10.11
CA THR B 40 38.27 14.99 8.97
C THR B 40 37.19 13.93 8.86
N LEU B 41 36.82 13.60 7.63
CA LEU B 41 35.83 12.57 7.40
C LEU B 41 36.52 11.41 6.70
N TYR B 42 36.50 10.26 7.35
CA TYR B 42 37.11 9.06 6.79
C TYR B 42 36.05 8.31 6.00
N ILE B 43 36.39 7.96 4.77
CA ILE B 43 35.45 7.25 3.90
C ILE B 43 36.02 5.90 3.47
N GLY B 44 35.26 4.83 3.71
CA GLY B 44 35.70 3.52 3.30
C GLY B 44 34.85 3.12 2.10
N ALA B 45 35.50 2.93 0.95
CA ALA B 45 34.81 2.54 -0.26
C ALA B 45 35.25 1.14 -0.61
N ARG B 46 35.03 0.71 -1.84
CA ARG B 46 35.45 -0.61 -2.25
C ARG B 46 36.93 -0.56 -2.64
N GLU B 47 37.77 -1.18 -1.82
CA GLU B 47 39.22 -1.25 -2.02
C GLU B 47 40.00 0.01 -1.62
N ALA B 48 39.35 0.95 -0.93
CA ALA B 48 40.02 2.18 -0.55
C ALA B 48 39.49 2.84 0.72
N VAL B 49 40.31 3.69 1.32
CA VAL B 49 39.92 4.45 2.51
C VAL B 49 40.51 5.85 2.38
N PHE B 50 39.63 6.85 2.37
CA PHE B 50 40.05 8.22 2.24
C PHE B 50 39.85 9.02 3.50
N ALA B 51 40.57 10.13 3.58
CA ALA B 51 40.47 11.07 4.69
C ALA B 51 40.24 12.37 3.95
N VAL B 52 39.14 13.05 4.23
CA VAL B 52 38.85 14.31 3.56
C VAL B 52 38.43 15.37 4.56
N ASN B 53 38.45 16.62 4.11
CA ASN B 53 38.06 17.75 4.95
C ASN B 53 36.56 17.69 5.22
N ALA B 54 36.19 17.55 6.49
CA ALA B 54 34.80 17.47 6.89
C ALA B 54 34.02 18.75 6.56
N LEU B 55 34.76 19.84 6.34
CA LEU B 55 34.15 21.13 6.02
C LEU B 55 33.96 21.30 4.53
N ASN B 56 34.69 20.49 3.76
CA ASN B 56 34.63 20.51 2.30
C ASN B 56 35.20 19.18 1.81
N ILE B 57 34.37 18.14 1.89
CA ILE B 57 34.76 16.78 1.51
C ILE B 57 35.38 16.57 0.14
N SER B 58 35.17 17.50 -0.79
CA SER B 58 35.75 17.35 -2.13
C SER B 58 37.26 17.54 -2.08
N GLU B 59 37.75 18.01 -0.94
CA GLU B 59 39.17 18.24 -0.75
C GLU B 59 39.82 17.08 -0.01
N LYS B 60 40.43 16.19 -0.80
CA LYS B 60 41.12 15.00 -0.31
C LYS B 60 42.33 15.33 0.56
N GLN B 61 42.52 14.58 1.63
CA GLN B 61 43.63 14.80 2.54
C GLN B 61 44.58 13.61 2.51
N HIS B 62 44.02 12.41 2.37
CA HIS B 62 44.81 11.19 2.32
C HIS B 62 44.02 10.15 1.60
N GLU B 63 44.70 9.07 1.24
CA GLU B 63 44.07 7.96 0.57
C GLU B 63 45.04 6.78 0.58
N VAL B 64 44.51 5.62 0.96
CA VAL B 64 45.30 4.40 0.99
C VAL B 64 44.45 3.35 0.30
N TYR B 65 45.08 2.40 -0.36
CA TYR B 65 44.32 1.37 -1.06
C TYR B 65 44.58 -0.01 -0.50
N TRP B 66 43.65 -0.91 -0.77
CA TRP B 66 43.76 -2.27 -0.27
C TRP B 66 42.99 -3.13 -1.26
N LYS B 67 43.55 -3.28 -2.46
CA LYS B 67 42.94 -4.08 -3.50
C LYS B 67 43.37 -5.53 -3.39
N VAL B 68 42.56 -6.43 -3.94
CA VAL B 68 42.90 -7.83 -3.91
C VAL B 68 43.67 -8.16 -5.17
N SER B 69 44.77 -8.88 -5.01
CA SER B 69 45.61 -9.27 -6.13
C SER B 69 44.79 -10.02 -7.19
N GLU B 70 45.32 -10.10 -8.41
CA GLU B 70 44.63 -10.82 -9.48
C GLU B 70 44.61 -12.32 -9.15
N ASP B 71 45.54 -12.73 -8.30
CA ASP B 71 45.65 -14.12 -7.87
C ASP B 71 44.39 -14.53 -7.11
N LYS B 72 44.21 -13.96 -5.91
CA LYS B 72 43.04 -14.28 -5.09
C LYS B 72 41.77 -13.87 -5.82
N LYS B 73 41.89 -12.88 -6.69
CA LYS B 73 40.75 -12.41 -7.48
C LYS B 73 40.24 -13.60 -8.29
N ALA B 74 41.16 -14.39 -8.82
CA ALA B 74 40.80 -15.55 -9.62
C ALA B 74 40.43 -16.71 -8.70
N LYS B 75 41.21 -16.88 -7.64
CA LYS B 75 40.95 -17.96 -6.68
C LYS B 75 39.49 -17.83 -6.23
N CYS B 76 39.05 -16.58 -6.05
CA CYS B 76 37.68 -16.29 -5.62
C CYS B 76 36.69 -16.50 -6.75
N ALA B 77 37.07 -16.08 -7.96
CA ALA B 77 36.21 -16.25 -9.13
C ALA B 77 36.07 -17.73 -9.43
N GLU B 78 37.04 -18.49 -8.92
CA GLU B 78 37.08 -19.93 -9.08
C GLU B 78 36.07 -20.55 -8.13
N LYS B 79 35.58 -19.75 -7.20
CA LYS B 79 34.61 -20.21 -6.23
C LYS B 79 33.18 -19.94 -6.69
N GLY B 80 33.04 -19.51 -7.94
CA GLY B 80 31.71 -19.24 -8.48
C GLY B 80 31.24 -17.82 -8.30
N LYS B 81 32.14 -16.94 -7.87
CA LYS B 81 31.81 -15.54 -7.66
C LYS B 81 32.23 -14.70 -8.86
N SER B 82 31.62 -13.54 -9.02
CA SER B 82 31.93 -12.65 -10.15
C SER B 82 33.24 -11.90 -9.86
N LYS B 83 34.27 -12.23 -10.63
CA LYS B 83 35.61 -11.67 -10.49
C LYS B 83 35.79 -10.16 -10.56
N GLN B 84 34.89 -9.47 -11.23
CA GLN B 84 35.03 -8.03 -11.38
C GLN B 84 34.13 -7.20 -10.46
N THR B 85 33.32 -7.85 -9.63
CA THR B 85 32.45 -7.11 -8.74
C THR B 85 32.36 -7.70 -7.33
N GLU B 86 32.25 -9.01 -7.24
CA GLU B 86 32.17 -9.67 -5.94
C GLU B 86 33.55 -9.96 -5.34
N CYS B 87 34.52 -10.31 -6.18
CA CYS B 87 35.85 -10.64 -5.70
C CYS B 87 36.75 -9.43 -5.46
N LEU B 88 36.20 -8.42 -4.79
CA LEU B 88 36.94 -7.22 -4.47
C LEU B 88 36.90 -7.00 -2.96
N ASN B 89 37.75 -6.12 -2.46
CA ASN B 89 37.80 -5.84 -1.04
C ASN B 89 36.89 -4.69 -0.61
N TYR B 90 35.65 -5.01 -0.24
CA TYR B 90 34.70 -4.00 0.22
C TYR B 90 34.98 -3.73 1.68
N ILE B 91 35.22 -2.47 2.02
CA ILE B 91 35.45 -2.14 3.41
C ILE B 91 34.10 -2.27 4.12
N ARG B 92 34.09 -2.95 5.26
CA ARG B 92 32.85 -3.16 5.97
C ARG B 92 32.92 -2.65 7.40
N VAL B 93 34.14 -2.52 7.91
CA VAL B 93 34.35 -2.03 9.27
C VAL B 93 35.35 -0.89 9.19
N LEU B 94 34.95 0.25 9.71
CA LEU B 94 35.79 1.43 9.73
C LEU B 94 35.53 2.03 11.10
N GLN B 95 36.39 1.70 12.04
CA GLN B 95 36.22 2.16 13.40
C GLN B 95 37.45 2.81 13.99
N PRO B 96 37.26 3.70 14.98
CA PRO B 96 38.39 4.36 15.62
C PRO B 96 39.04 3.37 16.60
N LEU B 97 40.35 3.30 16.58
CA LEU B 97 41.07 2.41 17.47
C LEU B 97 41.77 3.27 18.53
N SER B 98 42.51 4.25 18.04
CA SER B 98 43.24 5.17 18.90
C SER B 98 43.34 6.48 18.15
N ALA B 99 43.87 7.50 18.81
CA ALA B 99 44.01 8.81 18.20
C ALA B 99 44.75 8.71 16.88
N THR B 100 45.69 7.77 16.80
CA THR B 100 46.49 7.60 15.60
C THR B 100 46.16 6.35 14.77
N SER B 101 45.07 5.67 15.09
CA SER B 101 44.71 4.46 14.36
C SER B 101 43.23 4.14 14.15
N LEU B 102 42.94 3.49 13.03
CA LEU B 102 41.58 3.09 12.70
C LEU B 102 41.56 1.59 12.50
N TYR B 103 40.53 0.92 13.01
CA TYR B 103 40.39 -0.51 12.82
C TYR B 103 39.58 -0.69 11.55
N VAL B 104 40.15 -1.41 10.57
CA VAL B 104 39.48 -1.59 9.28
C VAL B 104 39.37 -3.04 8.83
N CYS B 105 38.19 -3.43 8.37
CA CYS B 105 37.97 -4.79 7.88
C CYS B 105 37.29 -4.72 6.52
N GLY B 106 37.59 -5.68 5.65
CA GLY B 106 37.00 -5.71 4.32
C GLY B 106 36.67 -7.12 3.89
N THR B 107 35.73 -7.26 2.96
CA THR B 107 35.34 -8.59 2.52
C THR B 107 36.53 -9.32 1.90
N ASN B 108 37.42 -8.56 1.25
CA ASN B 108 38.64 -9.10 0.68
C ASN B 108 38.49 -10.37 -0.17
N ALA B 109 37.71 -10.29 -1.23
CA ALA B 109 37.49 -11.44 -2.11
C ALA B 109 37.10 -12.67 -1.29
N PHE B 110 35.90 -12.62 -0.72
CA PHE B 110 35.36 -13.70 0.09
C PHE B 110 36.36 -14.34 1.05
N GLN B 111 37.12 -13.48 1.73
CA GLN B 111 38.14 -13.90 2.70
C GLN B 111 38.31 -12.74 3.68
N PRO B 112 37.27 -12.46 4.49
CA PRO B 112 37.30 -11.38 5.48
C PRO B 112 38.68 -11.17 6.09
N ALA B 113 39.10 -9.91 6.16
CA ALA B 113 40.40 -9.59 6.74
C ALA B 113 40.34 -8.25 7.47
N CYS B 114 41.09 -8.13 8.55
CA CYS B 114 41.11 -6.90 9.36
C CYS B 114 42.54 -6.40 9.55
N ASP B 115 42.68 -5.09 9.52
CA ASP B 115 43.98 -4.46 9.67
C ASP B 115 43.85 -3.14 10.40
N HIS B 116 44.99 -2.56 10.75
CA HIS B 116 45.02 -1.28 11.43
C HIS B 116 45.42 -0.26 10.40
N LEU B 117 44.91 0.95 10.53
CA LEU B 117 45.28 2.00 9.61
C LEU B 117 45.93 3.09 10.43
N ASN B 118 47.26 3.16 10.33
CA ASN B 118 48.04 4.18 11.05
C ASN B 118 47.64 5.50 10.42
N LEU B 119 46.94 6.34 11.18
CA LEU B 119 46.49 7.62 10.66
C LEU B 119 47.65 8.56 10.37
N THR B 120 48.63 8.58 11.27
CA THR B 120 49.82 9.42 11.14
C THR B 120 50.44 9.25 9.75
N SER B 121 50.78 8.02 9.42
CA SER B 121 51.37 7.73 8.13
C SER B 121 50.26 7.44 7.13
N PHE B 122 49.07 7.15 7.66
CA PHE B 122 47.91 6.80 6.86
C PHE B 122 48.28 5.65 5.95
N LYS B 123 48.89 4.64 6.56
CA LYS B 123 49.29 3.45 5.83
C LYS B 123 48.92 2.26 6.70
N PHE B 124 48.54 1.16 6.06
CA PHE B 124 48.18 -0.05 6.80
C PHE B 124 49.39 -0.71 7.45
N LEU B 125 49.17 -1.36 8.59
CA LEU B 125 50.24 -2.04 9.33
C LEU B 125 50.42 -3.46 8.83
N GLY B 126 49.68 -3.83 7.79
CA GLY B 126 49.78 -5.18 7.26
C GLY B 126 49.62 -6.23 8.34
N LYS B 127 48.60 -6.10 9.18
CA LYS B 127 48.35 -7.05 10.25
C LYS B 127 47.56 -8.26 9.78
N ASN B 128 46.84 -8.11 8.68
CA ASN B 128 46.05 -9.20 8.09
C ASN B 128 45.37 -10.20 9.07
N GLU B 129 44.64 -9.71 10.06
CA GLU B 129 43.95 -10.60 11.00
C GLU B 129 42.80 -11.26 10.27
N ASP B 130 42.35 -12.40 10.77
CA ASP B 130 41.22 -13.11 10.17
C ASP B 130 39.96 -12.38 10.61
N GLY B 131 39.22 -11.83 9.64
CA GLY B 131 38.01 -11.10 9.96
C GLY B 131 36.75 -11.94 9.95
N LYS B 132 36.90 -13.26 10.00
CA LYS B 132 35.77 -14.16 10.02
C LYS B 132 34.96 -13.90 11.30
N GLY B 133 33.68 -13.57 11.15
CA GLY B 133 32.86 -13.30 12.31
C GLY B 133 32.73 -11.81 12.63
N ARG B 134 33.74 -11.03 12.26
CA ARG B 134 33.74 -9.59 12.50
C ARG B 134 33.43 -8.82 11.21
N CYS B 135 33.49 -9.52 10.09
CA CYS B 135 33.23 -8.91 8.80
C CYS B 135 32.66 -9.95 7.83
N PRO B 136 31.66 -9.57 7.03
CA PRO B 136 31.07 -10.52 6.07
C PRO B 136 32.00 -10.94 4.93
N PHE B 137 31.65 -12.04 4.26
CA PHE B 137 32.42 -12.57 3.13
C PHE B 137 31.89 -11.94 1.85
N ASP B 138 30.57 -11.93 1.74
CA ASP B 138 29.85 -11.40 0.60
C ASP B 138 29.51 -9.92 0.82
N PRO B 139 29.82 -9.06 -0.16
CA PRO B 139 29.51 -7.63 -0.02
C PRO B 139 28.00 -7.34 -0.06
N ALA B 140 27.21 -8.37 -0.31
CA ALA B 140 25.76 -8.23 -0.36
C ALA B 140 25.12 -8.67 0.97
N HIS B 141 25.93 -9.25 1.85
CA HIS B 141 25.42 -9.70 3.13
C HIS B 141 25.30 -8.54 4.12
N SER B 142 24.26 -8.60 4.95
CA SER B 142 24.02 -7.58 5.96
C SER B 142 25.13 -7.63 7.02
N TYR B 143 25.40 -6.46 7.60
CA TYR B 143 26.44 -6.35 8.62
C TYR B 143 26.26 -5.09 9.46
N THR B 144 26.81 -5.11 10.67
CA THR B 144 26.79 -3.98 11.57
C THR B 144 27.85 -4.19 12.66
N SER B 145 28.33 -3.10 13.24
CA SER B 145 29.34 -3.20 14.29
C SER B 145 29.56 -1.90 15.05
N VAL B 146 30.11 -2.01 16.24
CA VAL B 146 30.44 -0.86 17.06
C VAL B 146 31.63 -1.20 17.94
N MET B 147 32.58 -0.28 18.03
CA MET B 147 33.76 -0.48 18.86
C MET B 147 33.40 0.01 20.26
N VAL B 148 33.57 -0.85 21.26
CA VAL B 148 33.28 -0.53 22.65
C VAL B 148 34.52 -0.81 23.49
N ASP B 149 35.08 0.24 24.10
CA ASP B 149 36.27 0.08 24.91
C ASP B 149 37.30 -0.81 24.21
N GLY B 150 37.65 -0.44 22.98
CA GLY B 150 38.64 -1.19 22.23
C GLY B 150 38.26 -2.58 21.75
N GLU B 151 37.02 -2.99 22.00
CA GLU B 151 36.56 -4.31 21.55
C GLU B 151 35.45 -4.15 20.51
N LEU B 152 35.54 -4.89 19.40
CA LEU B 152 34.53 -4.79 18.37
C LEU B 152 33.35 -5.74 18.57
N TYR B 153 32.16 -5.17 18.61
CA TYR B 153 30.95 -5.96 18.75
C TYR B 153 30.39 -5.97 17.35
N SER B 154 30.22 -7.18 16.82
CA SER B 154 29.81 -7.33 15.44
C SER B 154 28.57 -8.19 15.20
N GLY B 155 27.75 -7.76 14.25
CA GLY B 155 26.56 -8.51 13.88
C GLY B 155 26.66 -8.78 12.38
N THR B 156 26.78 -10.04 11.99
CA THR B 156 26.87 -10.33 10.58
C THR B 156 26.82 -11.83 10.33
N SER B 157 27.26 -12.23 9.14
CA SER B 157 27.31 -13.64 8.76
C SER B 157 28.67 -14.21 9.10
N TYR B 158 28.68 -15.45 9.56
CA TYR B 158 29.91 -16.10 9.96
C TYR B 158 30.61 -16.86 8.84
N ASN B 159 29.87 -17.22 7.81
CA ASN B 159 30.45 -18.00 6.74
C ASN B 159 30.26 -17.52 5.31
N PHE B 160 30.97 -18.15 4.39
CA PHE B 160 30.94 -17.85 2.96
C PHE B 160 29.52 -17.66 2.39
N LEU B 161 28.62 -18.58 2.71
CA LEU B 161 27.26 -18.53 2.19
C LEU B 161 26.35 -17.60 2.97
N GLY B 162 26.80 -17.19 4.15
CA GLY B 162 25.99 -16.30 4.98
C GLY B 162 24.80 -17.03 5.57
N SER B 163 24.95 -18.32 5.82
CA SER B 163 23.88 -19.14 6.38
C SER B 163 23.91 -19.12 7.90
N GLU B 164 25.08 -18.86 8.46
CA GLU B 164 25.23 -18.81 9.90
C GLU B 164 25.38 -17.39 10.42
N PRO B 165 24.34 -16.89 11.11
CA PRO B 165 24.39 -15.53 11.66
C PRO B 165 25.14 -15.51 12.98
N ILE B 166 25.74 -14.38 13.32
CA ILE B 166 26.47 -14.29 14.55
C ILE B 166 26.62 -12.87 15.07
N ILE B 167 26.47 -12.71 16.37
CA ILE B 167 26.70 -11.41 17.01
C ILE B 167 27.81 -11.78 17.99
N SER B 168 28.96 -11.14 17.85
CA SER B 168 30.02 -11.49 18.76
C SER B 168 30.96 -10.38 19.13
N ARG B 169 31.76 -10.67 20.15
CA ARG B 169 32.82 -9.79 20.65
C ARG B 169 34.03 -10.73 20.68
N ASN B 170 34.88 -10.67 19.68
CA ASN B 170 36.04 -11.55 19.68
C ASN B 170 37.23 -10.82 20.33
N SER B 171 37.20 -10.78 21.66
CA SER B 171 38.27 -10.14 22.42
C SER B 171 39.39 -11.15 22.64
N SER B 172 40.54 -10.68 23.10
CA SER B 172 41.67 -11.55 23.34
C SER B 172 41.42 -12.42 24.58
N HIS B 173 40.77 -11.86 25.59
CA HIS B 173 40.52 -12.60 26.81
C HIS B 173 39.17 -13.29 26.92
N SER B 174 38.09 -12.59 26.64
CA SER B 174 36.79 -13.25 26.76
C SER B 174 35.91 -13.10 25.53
N PRO B 175 36.26 -13.81 24.43
CA PRO B 175 35.48 -13.74 23.19
C PRO B 175 34.17 -14.48 23.40
N LEU B 176 33.05 -13.85 23.05
CA LEU B 176 31.75 -14.46 23.21
C LEU B 176 31.01 -14.36 21.88
N ARG B 177 30.10 -15.29 21.63
CA ARG B 177 29.31 -15.26 20.43
C ARG B 177 27.93 -15.77 20.76
N THR B 178 27.02 -15.63 19.80
CA THR B 178 25.66 -16.09 19.97
C THR B 178 25.65 -17.57 19.62
N GLU B 179 24.61 -18.25 20.11
CA GLU B 179 24.41 -19.64 19.81
C GLU B 179 23.95 -19.70 18.34
N TYR B 180 24.32 -20.75 17.61
CA TYR B 180 23.87 -20.89 16.23
C TYR B 180 22.63 -21.73 16.38
N ALA B 181 21.54 -21.06 16.74
CA ALA B 181 20.24 -21.67 17.01
C ALA B 181 19.08 -20.73 16.69
N ILE B 182 18.06 -21.27 16.03
CA ILE B 182 16.88 -20.53 15.63
C ILE B 182 16.30 -19.61 16.72
N PRO B 183 16.17 -20.12 17.96
CA PRO B 183 15.63 -19.27 19.02
C PRO B 183 16.44 -18.02 19.31
N TRP B 184 17.73 -18.04 18.96
CA TRP B 184 18.58 -16.89 19.19
C TRP B 184 18.55 -15.94 17.98
N LEU B 185 18.86 -16.46 16.80
CA LEU B 185 18.85 -15.65 15.57
C LEU B 185 18.23 -16.49 14.45
N ASN B 186 17.20 -15.96 13.79
CA ASN B 186 16.53 -16.71 12.72
C ASN B 186 16.58 -16.00 11.37
N GLU B 187 17.69 -16.17 10.65
CA GLU B 187 17.87 -15.52 9.36
C GLU B 187 17.78 -14.00 9.49
N PRO B 188 18.59 -13.41 10.39
CA PRO B 188 18.57 -11.97 10.59
C PRO B 188 19.26 -11.14 9.52
N SER B 189 18.82 -9.90 9.41
CA SER B 189 19.39 -8.92 8.51
C SER B 189 19.78 -7.80 9.45
N PHE B 190 21.08 -7.61 9.67
CA PHE B 190 21.56 -6.60 10.62
C PHE B 190 21.46 -5.17 10.13
N VAL B 191 21.03 -4.30 11.04
CA VAL B 191 20.82 -2.89 10.75
C VAL B 191 21.70 -1.92 11.54
N PHE B 192 21.77 -2.10 12.85
CA PHE B 192 22.51 -1.15 13.67
C PHE B 192 22.97 -1.73 15.01
N ALA B 193 24.06 -1.18 15.53
CA ALA B 193 24.58 -1.59 16.83
C ALA B 193 25.17 -0.37 17.53
N ASP B 194 24.90 -0.24 18.83
CA ASP B 194 25.45 0.86 19.60
C ASP B 194 25.43 0.59 21.10
N VAL B 195 26.34 1.25 21.81
CA VAL B 195 26.43 1.10 23.26
C VAL B 195 25.57 2.12 23.94
N ILE B 196 25.05 1.75 25.10
CA ILE B 196 24.28 2.66 25.92
C ILE B 196 25.03 2.62 27.26
N ARG B 197 25.82 3.67 27.53
CA ARG B 197 26.58 3.74 28.76
C ARG B 197 25.64 3.86 29.94
N LYS B 198 25.96 3.15 31.02
CA LYS B 198 25.10 3.17 32.20
C LYS B 198 25.83 3.62 33.47
N SER B 199 25.02 4.04 34.46
CA SER B 199 25.49 4.51 35.76
C SER B 199 26.34 3.47 36.49
N PRO B 200 26.46 3.50 37.84
CA PRO B 200 26.08 4.16 39.10
C PRO B 200 25.06 5.28 39.19
N GLY B 205 25.99 0.13 41.08
CA GLY B 205 26.76 0.08 39.80
C GLY B 205 26.06 -0.71 38.70
N GLU B 206 25.96 -0.12 37.50
CA GLU B 206 25.31 -0.79 36.36
C GLU B 206 26.24 -0.90 35.15
N ASP B 207 26.16 -2.05 34.47
CA ASP B 207 26.99 -2.32 33.30
C ASP B 207 26.45 -1.61 32.07
N ASP B 208 27.34 -1.32 31.12
CA ASP B 208 26.92 -0.72 29.87
C ASP B 208 26.28 -1.87 29.10
N ARG B 209 25.33 -1.57 28.22
CA ARG B 209 24.70 -2.60 27.39
C ARG B 209 25.03 -2.27 25.94
N VAL B 210 25.18 -3.29 25.12
CA VAL B 210 25.44 -3.05 23.71
C VAL B 210 24.21 -3.54 23.02
N TYR B 211 23.47 -2.63 22.39
CA TYR B 211 22.21 -2.95 21.71
C TYR B 211 22.42 -3.26 20.25
N PHE B 212 21.62 -4.22 19.75
CA PHE B 212 21.67 -4.64 18.36
C PHE B 212 20.28 -4.58 17.73
N PHE B 213 20.21 -4.15 16.49
CA PHE B 213 18.98 -4.02 15.74
C PHE B 213 19.04 -4.77 14.42
N PHE B 214 18.04 -5.60 14.18
CA PHE B 214 17.99 -6.39 12.96
C PHE B 214 16.56 -6.84 12.69
N THR B 215 16.30 -7.31 11.49
CA THR B 215 14.98 -7.84 11.13
C THR B 215 15.24 -9.34 10.97
N GLU B 216 14.32 -10.18 11.42
CA GLU B 216 14.49 -11.62 11.24
C GLU B 216 13.15 -12.28 11.01
N VAL B 217 13.18 -13.57 10.73
CA VAL B 217 11.96 -14.31 10.51
C VAL B 217 11.40 -14.61 11.88
N SER B 218 10.16 -14.21 12.09
CA SER B 218 9.50 -14.38 13.36
C SER B 218 9.16 -15.84 13.66
N VAL B 219 9.33 -16.23 14.92
CA VAL B 219 9.00 -17.60 15.35
C VAL B 219 7.68 -17.60 16.14
N GLU B 220 7.30 -16.43 16.65
CA GLU B 220 6.08 -16.32 17.45
C GLU B 220 4.82 -16.00 16.63
N TYR B 221 5.00 -15.58 15.38
CA TYR B 221 3.88 -15.26 14.50
C TYR B 221 3.72 -16.33 13.42
N GLU B 222 2.47 -16.61 13.07
CA GLU B 222 2.12 -17.59 12.04
C GLU B 222 1.20 -16.90 11.03
N PHE B 223 1.55 -16.94 9.75
CA PHE B 223 0.73 -16.28 8.74
C PHE B 223 0.72 -17.05 7.43
N VAL B 224 0.03 -16.52 6.42
CA VAL B 224 -0.06 -17.17 5.12
C VAL B 224 1.34 -17.63 4.68
N PHE B 225 2.33 -16.76 4.87
CA PHE B 225 3.71 -17.12 4.57
C PHE B 225 4.58 -16.60 5.70
N ARG B 226 5.89 -16.84 5.62
CA ARG B 226 6.82 -16.42 6.66
C ARG B 226 6.82 -14.90 6.92
N VAL B 227 6.65 -14.52 8.17
CA VAL B 227 6.61 -13.11 8.52
C VAL B 227 7.91 -12.62 9.19
N LEU B 228 8.36 -11.45 8.73
CA LEU B 228 9.55 -10.83 9.27
C LEU B 228 9.12 -9.98 10.43
N ILE B 229 10.05 -9.73 11.34
CA ILE B 229 9.77 -8.91 12.49
C ILE B 229 11.06 -8.24 12.93
N PRO B 230 11.01 -6.93 13.22
CA PRO B 230 12.21 -6.21 13.66
C PRO B 230 12.51 -6.56 15.11
N ARG B 231 13.78 -6.52 15.49
CA ARG B 231 14.15 -6.81 16.88
C ARG B 231 15.11 -5.80 17.43
N ILE B 232 14.99 -5.58 18.74
CA ILE B 232 15.92 -4.74 19.44
C ILE B 232 16.48 -5.81 20.39
N ALA B 233 17.78 -5.89 20.54
CA ALA B 233 18.38 -6.88 21.42
C ALA B 233 19.56 -6.24 22.11
N ARG B 234 20.01 -6.84 23.19
CA ARG B 234 21.20 -6.30 23.83
C ARG B 234 21.95 -7.35 24.63
N VAL B 235 23.23 -7.09 24.86
CA VAL B 235 24.07 -7.93 25.68
C VAL B 235 24.74 -6.98 26.65
N CYS B 236 25.33 -7.52 27.71
CA CYS B 236 26.02 -6.70 28.69
C CYS B 236 27.49 -6.63 28.33
N LYS B 237 28.07 -5.44 28.39
CA LYS B 237 29.48 -5.28 28.04
C LYS B 237 30.42 -6.12 28.93
N GLY B 238 30.01 -6.35 30.18
CA GLY B 238 30.83 -7.11 31.11
C GLY B 238 30.71 -8.62 31.02
N ASP B 239 29.84 -9.10 30.15
CA ASP B 239 29.66 -10.56 29.97
C ASP B 239 30.99 -11.28 29.75
N GLN B 240 31.10 -12.45 30.36
CA GLN B 240 32.29 -13.27 30.22
C GLN B 240 31.91 -14.71 29.86
N GLY B 241 30.62 -14.92 29.63
CA GLY B 241 30.14 -16.25 29.31
C GLY B 241 29.90 -17.08 30.56
N GLY B 242 29.45 -18.31 30.36
CA GLY B 242 29.21 -19.19 31.49
C GLY B 242 30.41 -20.11 31.71
N LEU B 243 30.46 -20.72 32.90
CA LEU B 243 31.56 -21.61 33.23
C LEU B 243 31.34 -23.03 32.69
N ARG B 244 30.20 -23.62 33.03
CA ARG B 244 29.86 -24.97 32.61
C ARG B 244 28.67 -25.05 31.64
N THR B 245 28.08 -23.90 31.35
CA THR B 245 26.95 -23.79 30.42
C THR B 245 27.21 -22.50 29.65
N LEU B 246 26.82 -22.45 28.39
CA LEU B 246 27.03 -21.27 27.59
C LEU B 246 28.50 -20.88 27.63
N GLN B 247 29.38 -21.87 27.57
CA GLN B 247 30.81 -21.58 27.56
C GLN B 247 31.11 -20.76 26.33
N LYS B 248 31.72 -19.60 26.50
CA LYS B 248 32.09 -18.74 25.38
C LYS B 248 30.92 -18.19 24.61
N LYS B 249 29.73 -18.21 25.23
CA LYS B 249 28.53 -17.71 24.59
C LYS B 249 27.98 -16.61 25.53
N TRP B 250 27.25 -15.66 24.98
CA TRP B 250 26.67 -14.59 25.80
C TRP B 250 25.79 -15.23 26.87
N THR B 251 25.67 -14.59 28.04
CA THR B 251 24.78 -15.09 29.10
C THR B 251 23.77 -13.99 29.37
N SER B 252 23.92 -12.91 28.62
CA SER B 252 23.08 -11.72 28.74
C SER B 252 22.33 -11.35 27.46
N PHE B 253 22.24 -12.27 26.51
CA PHE B 253 21.54 -11.97 25.26
C PHE B 253 20.02 -12.13 25.35
N LEU B 254 19.32 -11.03 25.11
CA LEU B 254 17.87 -11.01 25.15
C LEU B 254 17.42 -10.16 23.99
N LYS B 255 16.26 -10.48 23.45
CA LYS B 255 15.77 -9.72 22.33
C LYS B 255 14.28 -9.55 22.45
N ALA B 256 13.74 -8.56 21.75
CA ALA B 256 12.31 -8.31 21.77
C ALA B 256 11.86 -7.68 20.45
N ARG B 257 10.59 -7.85 20.12
CA ARG B 257 10.01 -7.27 18.91
C ARG B 257 10.01 -5.75 19.07
N LEU B 258 10.31 -5.07 17.97
CA LEU B 258 10.32 -3.62 17.88
C LEU B 258 9.15 -3.35 16.91
N ILE B 259 8.03 -2.88 17.46
CA ILE B 259 6.83 -2.63 16.68
C ILE B 259 6.62 -1.20 16.21
N CYS B 260 6.31 -1.05 14.92
CA CYS B 260 5.99 0.26 14.35
C CYS B 260 4.73 0.00 13.54
N SER B 261 3.61 0.48 14.05
CA SER B 261 2.34 0.27 13.39
C SER B 261 1.32 1.34 13.76
N ARG B 262 0.21 1.36 13.03
CA ARG B 262 -0.91 2.24 13.30
C ARG B 262 -2.09 1.29 13.08
N PRO B 263 -2.50 0.60 14.15
CA PRO B 263 -3.60 -0.38 14.13
C PRO B 263 -4.91 0.14 13.54
N ASP B 264 -5.18 1.42 13.75
CA ASP B 264 -6.40 2.06 13.27
C ASP B 264 -6.63 1.89 11.77
N SER B 265 -5.54 1.83 10.98
CA SER B 265 -5.68 1.68 9.54
C SER B 265 -5.00 0.42 9.02
N GLY B 266 -4.77 -0.53 9.92
CA GLY B 266 -4.13 -1.78 9.53
C GLY B 266 -2.74 -1.60 8.94
N LEU B 267 -1.97 -0.64 9.46
CA LEU B 267 -0.60 -0.38 8.97
C LEU B 267 0.43 -1.03 9.89
N VAL B 268 1.30 -1.84 9.33
CA VAL B 268 2.35 -2.48 10.11
C VAL B 268 3.61 -2.48 9.26
N PHE B 269 4.68 -1.93 9.84
CA PHE B 269 5.98 -1.80 9.18
C PHE B 269 6.95 -2.75 9.90
N ASN B 270 6.98 -3.98 9.44
CA ASN B 270 7.78 -5.02 10.06
C ASN B 270 9.18 -5.25 9.53
N VAL B 271 9.67 -4.35 8.68
CA VAL B 271 11.03 -4.50 8.18
C VAL B 271 11.82 -3.27 8.62
N LEU B 272 12.85 -3.47 9.46
CA LEU B 272 13.68 -2.38 9.96
C LEU B 272 14.74 -1.98 8.92
N ARG B 273 14.87 -0.69 8.61
CA ARG B 273 15.86 -0.23 7.64
C ARG B 273 17.04 0.49 8.26
N ASP B 274 16.79 1.28 9.30
CA ASP B 274 17.88 2.02 9.94
C ASP B 274 17.47 2.49 11.34
N VAL B 275 18.46 2.77 12.18
CA VAL B 275 18.22 3.25 13.55
C VAL B 275 19.22 4.37 13.83
N PHE B 276 18.78 5.37 14.59
CA PHE B 276 19.63 6.50 14.95
C PHE B 276 19.41 6.76 16.44
N VAL B 277 20.48 7.00 17.20
CA VAL B 277 20.31 7.25 18.64
C VAL B 277 20.43 8.74 18.89
N LEU B 278 19.36 9.33 19.41
CA LEU B 278 19.29 10.75 19.70
C LEU B 278 19.71 10.93 21.17
N ARG B 279 20.87 11.56 21.38
CA ARG B 279 21.38 11.75 22.74
C ARG B 279 21.26 13.12 23.39
N SER B 280 21.69 14.18 22.69
CA SER B 280 21.60 15.56 23.20
C SER B 280 21.82 15.77 24.72
N PRO B 281 22.72 16.71 25.09
CA PRO B 281 23.00 16.99 26.51
C PRO B 281 21.77 17.28 27.39
N GLY B 282 20.74 17.88 26.79
CA GLY B 282 19.53 18.19 27.53
C GLY B 282 18.57 17.02 27.56
N LEU B 283 19.14 15.81 27.47
CA LEU B 283 18.38 14.57 27.47
C LEU B 283 19.04 13.60 28.43
N LYS B 284 18.34 13.23 29.49
CA LYS B 284 18.89 12.30 30.46
C LYS B 284 18.85 10.88 29.91
N VAL B 285 17.84 10.59 29.08
CA VAL B 285 17.67 9.28 28.46
C VAL B 285 17.65 9.38 26.93
N PRO B 286 18.49 8.60 26.25
CA PRO B 286 18.50 8.67 24.78
C PRO B 286 17.19 8.16 24.19
N VAL B 287 16.96 8.53 22.94
CA VAL B 287 15.77 8.13 22.23
C VAL B 287 16.24 7.40 21.00
N PHE B 288 15.54 6.32 20.65
CA PHE B 288 15.89 5.56 19.46
C PHE B 288 14.93 5.96 18.36
N TYR B 289 15.43 6.45 17.24
CA TYR B 289 14.55 6.76 16.13
C TYR B 289 14.84 5.62 15.14
N ALA B 290 13.80 4.98 14.63
CA ALA B 290 14.02 3.87 13.72
C ALA B 290 13.16 4.04 12.49
N LEU B 291 13.69 3.57 11.37
CA LEU B 291 13.02 3.66 10.10
C LEU B 291 12.59 2.27 9.65
N PHE B 292 11.33 2.15 9.23
CA PHE B 292 10.76 0.87 8.80
C PHE B 292 10.03 0.97 7.48
N THR B 293 9.83 -0.19 6.87
CA THR B 293 9.05 -0.31 5.65
C THR B 293 8.26 -1.59 5.87
N PRO B 294 7.18 -1.79 5.10
CA PRO B 294 6.38 -3.00 5.28
C PRO B 294 6.84 -4.17 4.44
N GLN B 295 6.62 -5.38 4.97
CA GLN B 295 6.95 -6.58 4.23
C GLN B 295 5.73 -6.87 3.35
N LEU B 296 4.55 -6.61 3.91
CA LEU B 296 3.31 -6.91 3.21
C LEU B 296 2.66 -5.78 2.41
N ASN B 297 2.27 -6.11 1.18
CA ASN B 297 1.58 -5.18 0.29
C ASN B 297 2.29 -3.84 0.18
N ASN B 298 3.60 -3.89 -0.01
CA ASN B 298 4.43 -2.69 -0.12
C ASN B 298 4.49 -2.04 -1.48
N VAL B 299 3.72 -1.00 -1.68
CA VAL B 299 3.71 -0.28 -2.93
C VAL B 299 4.62 0.95 -2.79
N GLY B 300 5.39 1.02 -1.70
CA GLY B 300 6.28 2.16 -1.48
C GLY B 300 5.81 2.96 -0.27
N LEU B 301 5.91 2.35 0.90
CA LEU B 301 5.47 2.93 2.16
C LEU B 301 6.64 2.94 3.14
N SER B 302 6.83 4.03 3.88
CA SER B 302 7.91 4.14 4.87
C SER B 302 7.40 4.79 6.14
N ALA B 303 8.03 4.46 7.26
CA ALA B 303 7.59 5.06 8.52
C ALA B 303 8.77 5.22 9.47
N VAL B 304 8.65 6.22 10.35
CA VAL B 304 9.68 6.49 11.35
C VAL B 304 8.95 6.43 12.66
N CYS B 305 9.52 5.73 13.63
CA CYS B 305 8.95 5.57 14.95
C CYS B 305 10.05 5.97 15.93
N ALA B 306 9.68 6.53 17.09
CA ALA B 306 10.68 6.90 18.07
C ALA B 306 10.38 6.10 19.33
N TYR B 307 11.43 5.59 19.96
CA TYR B 307 11.26 4.76 21.14
C TYR B 307 12.04 5.27 22.34
N ASN B 308 11.43 5.14 23.50
CA ASN B 308 12.07 5.55 24.74
C ASN B 308 12.95 4.40 25.21
N LEU B 309 14.22 4.67 25.49
CA LEU B 309 15.12 3.63 25.93
C LEU B 309 14.58 2.94 27.18
N SER B 310 14.01 3.72 28.10
CA SER B 310 13.49 3.13 29.32
C SER B 310 12.38 2.12 29.05
N THR B 311 11.68 2.29 27.93
CA THR B 311 10.59 1.38 27.56
C THR B 311 11.17 -0.01 27.26
N ALA B 312 12.29 -0.04 26.55
CA ALA B 312 12.93 -1.30 26.22
C ALA B 312 13.54 -1.91 27.47
N GLU B 313 14.13 -1.07 28.32
CA GLU B 313 14.75 -1.55 29.53
C GLU B 313 13.74 -2.22 30.44
N GLU B 314 12.54 -1.65 30.51
CA GLU B 314 11.49 -2.21 31.34
C GLU B 314 11.16 -3.63 30.88
N VAL B 315 11.07 -3.82 29.57
CA VAL B 315 10.75 -5.12 29.00
C VAL B 315 11.83 -6.15 29.32
N PHE B 316 13.10 -5.78 29.16
CA PHE B 316 14.19 -6.71 29.43
C PHE B 316 14.39 -7.02 30.92
N SER B 317 14.11 -6.06 31.79
CA SER B 317 14.31 -6.31 33.22
C SER B 317 13.08 -6.81 34.00
N HIS B 318 11.87 -6.60 33.46
CA HIS B 318 10.66 -7.02 34.16
C HIS B 318 9.66 -7.78 33.32
N GLY B 319 9.87 -7.84 32.02
CA GLY B 319 8.94 -8.56 31.18
C GLY B 319 8.99 -10.08 31.29
N LYS B 320 7.94 -10.72 30.83
CA LYS B 320 7.84 -12.17 30.82
C LYS B 320 8.57 -12.68 29.58
N TYR B 321 9.12 -13.88 29.67
CA TYR B 321 9.82 -14.47 28.54
C TYR B 321 8.80 -15.24 27.73
N MET B 322 9.18 -15.67 26.53
CA MET B 322 8.29 -16.47 25.73
C MET B 322 8.83 -17.89 25.90
N GLN B 323 8.06 -18.88 25.49
CA GLN B 323 8.50 -20.26 25.64
C GLN B 323 8.17 -21.08 24.41
N SER B 324 9.16 -21.82 23.94
CA SER B 324 8.98 -22.69 22.80
C SER B 324 8.27 -23.92 23.31
N THR B 325 7.31 -24.40 22.52
CA THR B 325 6.55 -25.58 22.89
C THR B 325 6.50 -26.48 21.68
N THR B 326 7.00 -27.71 21.82
CA THR B 326 6.96 -28.64 20.71
C THR B 326 5.54 -29.22 20.61
N VAL B 327 4.63 -28.40 20.12
CA VAL B 327 3.23 -28.80 19.96
C VAL B 327 3.14 -29.91 18.92
N GLU B 328 2.45 -31.00 19.28
CA GLU B 328 2.29 -32.14 18.39
C GLU B 328 3.66 -32.80 18.20
N GLN B 329 4.09 -32.98 16.95
CA GLN B 329 5.39 -33.60 16.70
C GLN B 329 6.15 -32.93 15.56
N SER B 330 7.32 -32.38 15.88
CA SER B 330 8.17 -31.70 14.91
C SER B 330 7.77 -30.24 14.67
N HIS B 331 6.65 -29.82 15.27
CA HIS B 331 6.17 -28.47 15.09
C HIS B 331 6.16 -27.68 16.41
N THR B 332 7.07 -26.70 16.52
CA THR B 332 7.20 -25.88 17.71
C THR B 332 6.51 -24.51 17.61
N LYS B 333 5.75 -24.16 18.65
CA LYS B 333 5.04 -22.89 18.70
C LYS B 333 5.53 -22.10 19.91
N TRP B 334 5.65 -20.78 19.77
CA TRP B 334 6.11 -19.94 20.87
C TRP B 334 4.98 -19.25 21.60
N VAL B 335 4.93 -19.45 22.92
CA VAL B 335 3.90 -18.87 23.76
C VAL B 335 4.51 -18.13 24.93
N ARG B 336 3.71 -17.35 25.64
CA ARG B 336 4.20 -16.62 26.79
C ARG B 336 4.50 -17.63 27.89
N TYR B 337 5.54 -17.35 28.67
CA TYR B 337 5.95 -18.24 29.76
C TYR B 337 5.44 -17.67 31.06
N ASN B 338 4.69 -18.47 31.80
CA ASN B 338 4.13 -18.02 33.08
C ASN B 338 4.73 -18.74 34.27
N GLY B 339 5.60 -19.71 33.99
CA GLY B 339 6.23 -20.46 35.07
C GLY B 339 7.15 -19.64 35.95
N PRO B 340 7.96 -20.30 36.80
CA PRO B 340 8.87 -19.58 37.67
C PRO B 340 10.15 -19.23 36.92
N VAL B 341 10.73 -18.08 37.27
CA VAL B 341 11.95 -17.58 36.65
C VAL B 341 13.13 -17.75 37.62
N PRO B 342 14.23 -18.36 37.14
CA PRO B 342 15.47 -18.63 37.87
C PRO B 342 16.01 -17.54 38.80
N LYS B 343 16.83 -17.98 39.76
CA LYS B 343 17.50 -17.19 40.80
C LYS B 343 17.87 -15.80 40.32
N PRO B 344 19.13 -15.57 39.84
CA PRO B 344 19.35 -14.20 39.38
C PRO B 344 18.67 -14.21 38.01
N ARG B 345 17.96 -13.15 37.68
CA ARG B 345 17.24 -13.08 36.42
C ARG B 345 18.02 -13.45 35.16
N PRO B 346 17.51 -14.40 34.38
CA PRO B 346 18.20 -14.80 33.15
C PRO B 346 18.35 -13.63 32.18
N GLY B 347 19.57 -13.37 31.72
CA GLY B 347 19.77 -12.28 30.77
C GLY B 347 20.15 -10.96 31.38
N ALA B 348 20.11 -10.88 32.71
CA ALA B 348 20.48 -9.64 33.39
C ALA B 348 22.00 -9.52 33.45
N CYS B 349 22.49 -8.30 33.58
CA CYS B 349 23.93 -8.05 33.72
C CYS B 349 24.26 -8.30 35.18
N ILE B 350 25.54 -8.31 35.50
CA ILE B 350 25.95 -8.51 36.87
C ILE B 350 25.83 -7.14 37.53
N ASP B 351 24.67 -6.87 38.13
CA ASP B 351 24.43 -5.60 38.80
C ASP B 351 24.35 -5.79 40.31
N SER B 352 23.60 -4.94 40.99
CA SER B 352 23.47 -4.99 42.45
C SER B 352 22.87 -6.27 43.03
N GLU B 353 21.69 -6.65 42.56
CA GLU B 353 21.03 -7.86 43.06
C GLU B 353 21.87 -9.13 42.90
N ALA B 354 22.78 -9.11 41.93
CA ALA B 354 23.63 -10.26 41.68
C ALA B 354 24.88 -10.17 42.55
N ARG B 355 25.41 -8.97 42.70
CA ARG B 355 26.58 -8.76 43.52
C ARG B 355 26.23 -9.10 44.97
N ALA B 356 25.03 -8.67 45.37
CA ALA B 356 24.50 -8.89 46.70
C ALA B 356 24.28 -10.39 46.96
N ALA B 357 24.36 -11.19 45.90
CA ALA B 357 24.18 -12.62 46.04
C ALA B 357 25.54 -13.27 45.88
N ASN B 358 26.56 -12.43 45.80
CA ASN B 358 27.94 -12.88 45.67
C ASN B 358 28.32 -13.40 44.28
N TYR B 359 27.70 -12.84 43.25
CA TYR B 359 28.00 -13.19 41.87
C TYR B 359 28.73 -11.98 41.35
N THR B 360 29.97 -12.13 40.94
CA THR B 360 30.73 -10.99 40.45
C THR B 360 31.10 -11.12 38.99
N SER B 361 30.72 -12.23 38.38
CA SER B 361 31.03 -12.46 36.97
C SER B 361 30.03 -13.43 36.43
N SER B 362 29.78 -13.36 35.12
CA SER B 362 28.84 -14.28 34.46
C SER B 362 29.31 -15.71 34.66
N LEU B 363 30.60 -15.89 34.91
CA LEU B 363 31.17 -17.22 35.14
C LEU B 363 30.68 -17.86 36.46
N ASN B 364 30.11 -17.05 37.35
CA ASN B 364 29.61 -17.53 38.64
C ASN B 364 28.09 -17.74 38.64
N LEU B 365 27.42 -17.42 37.53
CA LEU B 365 25.97 -17.57 37.47
C LEU B 365 25.56 -19.04 37.56
N PRO B 366 24.48 -19.35 38.30
CA PRO B 366 24.03 -20.73 38.43
C PRO B 366 23.64 -21.32 37.07
N ASP B 367 23.91 -22.60 36.89
CA ASP B 367 23.59 -23.27 35.64
C ASP B 367 22.11 -23.20 35.32
N LYS B 368 21.28 -23.13 36.36
CA LYS B 368 19.85 -23.05 36.16
C LYS B 368 19.50 -21.76 35.44
N THR B 369 20.18 -20.68 35.80
CA THR B 369 19.98 -19.38 35.18
C THR B 369 20.52 -19.41 33.76
N LEU B 370 21.70 -20.02 33.58
CA LEU B 370 22.31 -20.08 32.27
C LEU B 370 21.50 -20.95 31.31
N GLN B 371 21.02 -22.11 31.77
CA GLN B 371 20.24 -22.95 30.87
C GLN B 371 18.95 -22.24 30.46
N PHE B 372 18.34 -21.51 31.40
CA PHE B 372 17.11 -20.80 31.09
C PHE B 372 17.33 -19.75 29.99
N VAL B 373 18.32 -18.87 30.17
CA VAL B 373 18.56 -17.86 29.16
C VAL B 373 18.94 -18.48 27.80
N LYS B 374 19.60 -19.63 27.81
CA LYS B 374 19.98 -20.27 26.56
C LYS B 374 18.73 -20.66 25.76
N ASP B 375 17.69 -21.09 26.48
CA ASP B 375 16.44 -21.52 25.84
C ASP B 375 15.35 -20.44 25.75
N HIS B 376 15.51 -19.34 26.46
CA HIS B 376 14.50 -18.30 26.45
C HIS B 376 15.07 -16.93 26.11
N PRO B 377 15.63 -16.77 24.90
CA PRO B 377 16.17 -15.44 24.58
C PRO B 377 15.12 -14.40 24.16
N LEU B 378 13.90 -14.84 23.86
CA LEU B 378 12.85 -13.94 23.40
C LEU B 378 11.87 -13.48 24.46
N MET B 379 11.69 -12.17 24.54
CA MET B 379 10.79 -11.56 25.50
C MET B 379 9.36 -11.60 24.97
N ASP B 380 8.38 -11.70 25.86
CA ASP B 380 7.00 -11.78 25.41
C ASP B 380 6.37 -10.45 25.06
N ASP B 381 6.79 -9.38 25.72
CA ASP B 381 6.23 -8.06 25.43
C ASP B 381 6.90 -7.39 24.24
N SER B 382 6.16 -6.50 23.57
CA SER B 382 6.68 -5.74 22.44
C SER B 382 7.25 -4.42 22.94
N VAL B 383 8.30 -3.94 22.29
CA VAL B 383 8.88 -2.65 22.66
C VAL B 383 8.10 -1.73 21.72
N THR B 384 7.29 -0.84 22.30
CA THR B 384 6.44 0.04 21.52
C THR B 384 6.89 1.49 21.49
N PRO B 385 6.56 2.21 20.41
CA PRO B 385 6.93 3.61 20.23
C PRO B 385 6.27 4.61 21.17
N ILE B 386 6.88 5.78 21.26
CA ILE B 386 6.37 6.87 22.06
C ILE B 386 5.03 7.25 21.41
N ASP B 387 3.95 7.19 22.19
CA ASP B 387 2.59 7.52 21.72
C ASP B 387 1.94 6.39 20.96
N ASN B 388 2.62 5.25 20.94
CA ASN B 388 2.10 4.08 20.26
C ASN B 388 1.79 4.25 18.78
N ARG B 389 2.42 5.22 18.14
CA ARG B 389 2.21 5.43 16.71
C ARG B 389 3.47 6.02 16.10
N PRO B 390 3.62 5.87 14.79
CA PRO B 390 4.81 6.40 14.11
C PRO B 390 4.87 7.93 14.17
N ARG B 391 6.08 8.47 14.04
CA ARG B 391 6.28 9.92 14.07
C ARG B 391 5.94 10.40 12.66
N LEU B 392 6.07 9.51 11.70
CA LEU B 392 5.85 9.90 10.33
C LEU B 392 5.58 8.69 9.46
N ILE B 393 4.57 8.78 8.60
CA ILE B 393 4.24 7.70 7.66
C ILE B 393 4.18 8.35 6.31
N LYS B 394 4.98 7.86 5.37
CA LYS B 394 5.01 8.46 4.06
C LYS B 394 4.69 7.47 2.96
N LYS B 395 3.83 7.90 2.05
CA LYS B 395 3.43 7.09 0.91
C LYS B 395 4.29 7.46 -0.30
N ASP B 396 4.40 6.53 -1.24
CA ASP B 396 5.15 6.74 -2.46
C ASP B 396 6.61 7.09 -2.30
N VAL B 397 7.24 6.59 -1.23
CA VAL B 397 8.66 6.84 -1.04
C VAL B 397 9.30 5.69 -0.29
N ASN B 398 10.51 5.33 -0.69
CA ASN B 398 11.25 4.27 0.00
C ASN B 398 12.47 4.90 0.68
N TYR B 399 12.31 5.19 1.97
CA TYR B 399 13.36 5.79 2.80
C TYR B 399 14.39 4.74 3.13
N THR B 400 15.67 5.09 3.10
CA THR B 400 16.74 4.15 3.38
C THR B 400 17.52 4.36 4.68
N GLN B 401 17.75 5.64 5.04
CA GLN B 401 18.53 6.00 6.22
C GLN B 401 17.90 7.16 6.99
N ILE B 402 18.30 7.33 8.24
CA ILE B 402 17.77 8.41 9.04
C ILE B 402 18.77 8.94 10.06
N VAL B 403 18.80 10.26 10.23
CA VAL B 403 19.62 10.91 11.25
C VAL B 403 18.68 11.97 11.81
N VAL B 404 18.84 12.29 13.08
CA VAL B 404 17.97 13.25 13.73
C VAL B 404 18.77 14.30 14.45
N ASP B 405 18.38 15.57 14.28
CA ASP B 405 19.07 16.65 14.95
C ASP B 405 18.07 17.39 15.82
N ARG B 406 18.36 17.49 17.11
CA ARG B 406 17.48 18.20 18.02
C ARG B 406 17.89 19.67 18.07
N THR B 407 17.07 20.54 17.49
CA THR B 407 17.36 21.96 17.44
C THR B 407 16.29 22.83 18.14
N GLN B 408 16.69 24.03 18.54
CA GLN B 408 15.78 24.93 19.23
C GLN B 408 15.38 26.12 18.35
N ALA B 409 14.08 26.32 18.14
CA ALA B 409 13.63 27.45 17.31
C ALA B 409 13.90 28.76 18.06
N LEU B 410 13.70 29.89 17.39
CA LEU B 410 13.93 31.19 17.99
C LEU B 410 13.09 31.44 19.25
N ASP B 411 11.86 30.94 19.26
CA ASP B 411 10.98 31.12 20.41
C ASP B 411 11.25 30.10 21.54
N GLY B 412 12.29 29.29 21.37
CA GLY B 412 12.65 28.32 22.38
C GLY B 412 12.10 26.92 22.19
N THR B 413 11.13 26.75 21.29
CA THR B 413 10.55 25.45 21.05
C THR B 413 11.60 24.52 20.47
N VAL B 414 11.65 23.29 20.99
CA VAL B 414 12.63 22.33 20.51
C VAL B 414 12.00 21.37 19.51
N TYR B 415 12.70 21.15 18.39
CA TYR B 415 12.22 20.26 17.35
C TYR B 415 13.21 19.15 17.06
N ASP B 416 12.71 17.94 16.85
CA ASP B 416 13.58 16.84 16.48
C ASP B 416 13.45 16.82 14.96
N VAL B 417 14.46 17.33 14.26
CA VAL B 417 14.41 17.36 12.80
C VAL B 417 14.91 16.04 12.25
N MET B 418 14.04 15.34 11.51
CA MET B 418 14.36 14.06 10.92
C MET B 418 14.89 14.25 9.51
N PHE B 419 16.12 13.80 9.27
CA PHE B 419 16.70 13.86 7.95
C PHE B 419 16.63 12.41 7.43
N VAL B 420 15.82 12.16 6.42
CA VAL B 420 15.68 10.80 5.91
C VAL B 420 16.01 10.74 4.42
N SER B 421 16.87 9.80 4.04
CA SER B 421 17.27 9.67 2.64
C SER B 421 16.40 8.65 1.91
N THR B 422 16.37 8.74 0.57
CA THR B 422 15.56 7.82 -0.21
C THR B 422 16.37 6.90 -1.12
N ASP B 423 15.71 5.85 -1.61
CA ASP B 423 16.38 4.90 -2.47
C ASP B 423 16.66 5.49 -3.86
N ARG B 424 16.35 6.77 -4.04
CA ARG B 424 16.59 7.41 -5.33
C ARG B 424 17.57 8.56 -5.20
N GLY B 425 18.29 8.59 -4.08
CA GLY B 425 19.31 9.61 -3.85
C GLY B 425 18.88 10.98 -3.36
N ALA B 426 17.71 11.08 -2.76
CA ALA B 426 17.22 12.35 -2.25
C ALA B 426 17.21 12.38 -0.74
N LEU B 427 17.07 13.58 -0.18
CA LEU B 427 17.04 13.77 1.25
C LEU B 427 15.81 14.62 1.58
N HIS B 428 15.10 14.21 2.61
CA HIS B 428 13.89 14.89 3.05
C HIS B 428 14.17 15.40 4.45
N LYS B 429 13.68 16.59 4.76
CA LYS B 429 13.86 17.16 6.10
C LYS B 429 12.46 17.30 6.66
N ALA B 430 12.16 16.59 7.74
CA ALA B 430 10.82 16.66 8.30
C ALA B 430 10.74 16.91 9.79
N ILE B 431 9.65 17.53 10.23
CA ILE B 431 9.45 17.79 11.64
C ILE B 431 8.01 17.51 12.02
N SER B 432 7.79 17.38 13.32
CA SER B 432 6.45 17.16 13.87
C SER B 432 6.01 18.57 14.20
N LEU B 433 4.96 19.04 13.54
CA LEU B 433 4.51 20.40 13.75
C LEU B 433 3.00 20.51 13.99
N GLU B 434 2.62 20.83 15.22
CA GLU B 434 1.21 20.98 15.59
C GLU B 434 0.34 19.81 15.18
N HIS B 435 0.61 18.65 15.78
CA HIS B 435 -0.15 17.43 15.47
C HIS B 435 -0.30 17.23 13.97
N ALA B 436 0.84 17.11 13.28
CA ALA B 436 0.93 16.89 11.83
C ALA B 436 2.40 16.89 11.44
N VAL B 437 2.73 16.23 10.34
CA VAL B 437 4.12 16.19 9.90
C VAL B 437 4.33 17.26 8.82
N HIS B 438 5.41 18.00 8.95
CA HIS B 438 5.73 19.04 8.00
C HIS B 438 7.08 18.69 7.35
N ILE B 439 7.05 18.29 6.08
CA ILE B 439 8.29 17.99 5.37
C ILE B 439 8.74 19.31 4.75
N ILE B 440 9.72 19.91 5.39
CA ILE B 440 10.25 21.20 4.97
C ILE B 440 10.72 21.22 3.53
N GLU B 441 11.53 20.25 3.15
CA GLU B 441 12.05 20.27 1.79
C GLU B 441 12.61 18.92 1.39
N GLU B 442 12.98 18.82 0.13
CA GLU B 442 13.59 17.62 -0.41
C GLU B 442 14.70 18.11 -1.33
N THR B 443 15.86 17.47 -1.22
CA THR B 443 17.02 17.83 -2.03
C THR B 443 17.55 16.60 -2.74
N GLN B 444 17.88 16.75 -4.02
CA GLN B 444 18.41 15.63 -4.78
C GLN B 444 19.91 15.60 -4.53
N LEU B 445 20.36 14.76 -3.59
CA LEU B 445 21.79 14.68 -3.29
C LEU B 445 22.63 14.06 -4.41
N PHE B 446 22.11 13.00 -5.01
CA PHE B 446 22.81 12.30 -6.09
C PHE B 446 22.06 12.45 -7.40
N GLN B 447 22.69 13.12 -8.36
CA GLN B 447 22.10 13.34 -9.67
C GLN B 447 21.93 12.03 -10.43
N ASP B 448 22.71 11.02 -10.08
CA ASP B 448 22.60 9.73 -10.76
C ASP B 448 21.45 8.90 -10.17
N PHE B 449 20.74 9.48 -9.21
CA PHE B 449 19.60 8.81 -8.57
C PHE B 449 19.97 7.53 -7.82
N GLU B 450 21.23 7.41 -7.43
CA GLU B 450 21.73 6.25 -6.70
C GLU B 450 21.16 6.25 -5.28
N PRO B 451 20.75 5.08 -4.78
CA PRO B 451 20.20 5.02 -3.43
C PRO B 451 21.23 5.45 -2.39
N VAL B 452 20.75 6.18 -1.39
CA VAL B 452 21.63 6.63 -0.32
C VAL B 452 21.77 5.43 0.62
N GLN B 453 22.99 4.94 0.74
CA GLN B 453 23.27 3.77 1.56
C GLN B 453 23.57 4.10 3.01
N THR B 454 24.33 5.17 3.23
CA THR B 454 24.71 5.55 4.59
C THR B 454 24.53 7.05 4.82
N LEU B 455 24.12 7.40 6.03
CA LEU B 455 23.89 8.80 6.37
C LEU B 455 24.58 9.10 7.69
N LEU B 456 25.30 10.21 7.74
CA LEU B 456 26.00 10.59 8.95
C LEU B 456 25.74 12.06 9.28
N LEU B 457 25.54 12.36 10.56
CA LEU B 457 25.30 13.73 10.99
C LEU B 457 26.47 14.21 11.84
N SER B 458 27.10 15.31 11.44
CA SER B 458 28.25 15.87 12.15
C SER B 458 27.81 16.58 13.43
N SER B 459 28.60 16.44 14.48
CA SER B 459 28.32 17.04 15.80
C SER B 459 28.57 18.55 15.89
N LYS B 460 27.53 19.27 16.30
CA LYS B 460 27.53 20.72 16.46
C LYS B 460 28.89 21.35 16.74
N LYS B 461 29.35 22.16 15.79
CA LYS B 461 30.62 22.85 15.90
C LYS B 461 30.52 24.09 15.01
N GLY B 462 29.42 24.82 15.16
CA GLY B 462 29.18 25.99 14.35
C GLY B 462 28.40 25.57 13.12
N ASN B 463 29.09 25.44 12.00
CA ASN B 463 28.44 25.01 10.76
C ASN B 463 28.35 23.49 10.82
N ARG B 464 27.15 22.95 10.75
CA ARG B 464 26.98 21.51 10.82
C ARG B 464 26.59 20.95 9.46
N PHE B 465 26.82 19.66 9.25
CA PHE B 465 26.47 19.04 7.97
C PHE B 465 25.99 17.61 8.12
N VAL B 466 25.48 17.09 7.01
CA VAL B 466 25.00 15.73 6.88
C VAL B 466 25.75 15.15 5.68
N TYR B 467 26.30 13.94 5.83
CA TYR B 467 27.02 13.30 4.74
C TYR B 467 26.29 12.05 4.28
N ALA B 468 26.16 11.90 2.97
CA ALA B 468 25.47 10.76 2.39
C ALA B 468 26.41 10.00 1.46
N GLY B 469 26.46 8.68 1.61
CA GLY B 469 27.32 7.88 0.76
C GLY B 469 26.48 6.95 -0.08
N SER B 470 26.89 6.74 -1.33
CA SER B 470 26.18 5.85 -2.23
C SER B 470 27.21 5.10 -3.06
N ASN B 471 26.74 4.29 -3.99
CA ASN B 471 27.64 3.55 -4.84
C ASN B 471 28.52 4.50 -5.65
N SER B 472 27.95 5.64 -6.05
CA SER B 472 28.67 6.62 -6.88
C SER B 472 29.53 7.65 -6.17
N GLY B 473 29.33 7.83 -4.87
CA GLY B 473 30.15 8.80 -4.14
C GLY B 473 29.59 9.24 -2.81
N VAL B 474 30.18 10.30 -2.27
CA VAL B 474 29.76 10.87 -0.98
C VAL B 474 29.33 12.32 -1.24
N VAL B 475 28.22 12.74 -0.64
CA VAL B 475 27.74 14.11 -0.80
C VAL B 475 27.68 14.76 0.58
N GLN B 476 27.93 16.06 0.62
CA GLN B 476 27.89 16.81 1.86
C GLN B 476 26.82 17.89 1.72
N ALA B 477 25.91 17.98 2.69
CA ALA B 477 24.86 19.00 2.62
C ALA B 477 24.71 19.69 3.97
N PRO B 478 24.35 20.97 3.98
CA PRO B 478 24.18 21.70 5.23
C PRO B 478 22.81 21.32 5.77
N LEU B 479 22.55 21.62 7.03
CA LEU B 479 21.27 21.28 7.62
C LEU B 479 20.10 22.11 7.10
N ALA B 480 20.40 23.20 6.40
CA ALA B 480 19.36 24.05 5.84
C ALA B 480 19.94 24.89 4.72
N PHE B 481 19.07 25.40 3.84
CA PHE B 481 19.50 26.25 2.72
C PHE B 481 18.83 27.61 2.87
N CYS B 482 18.86 28.14 4.09
CA CYS B 482 18.22 29.40 4.41
C CYS B 482 18.45 30.51 3.39
N GLY B 483 19.65 30.56 2.85
CA GLY B 483 19.96 31.58 1.87
C GLY B 483 19.14 31.52 0.59
N LYS B 484 18.48 30.41 0.33
CA LYS B 484 17.68 30.26 -0.88
C LYS B 484 16.30 30.93 -0.80
N HIS B 485 15.87 31.29 0.40
CA HIS B 485 14.59 31.96 0.55
C HIS B 485 14.83 33.44 0.32
N GLY B 486 14.30 33.95 -0.79
CA GLY B 486 14.49 35.34 -1.17
C GLY B 486 13.81 36.44 -0.36
N THR B 487 12.62 36.17 0.18
CA THR B 487 11.89 37.16 0.96
C THR B 487 11.56 36.67 2.37
N CYS B 488 11.19 37.61 3.23
CA CYS B 488 10.85 37.27 4.60
C CYS B 488 9.65 36.33 4.59
N GLU B 489 8.73 36.55 3.67
CA GLU B 489 7.56 35.70 3.57
C GLU B 489 7.99 34.28 3.23
N ASP B 490 8.89 34.14 2.27
CA ASP B 490 9.36 32.81 1.87
C ASP B 490 10.01 32.14 3.08
N CYS B 491 10.88 32.90 3.75
CA CYS B 491 11.62 32.44 4.91
C CYS B 491 10.69 31.96 6.03
N VAL B 492 9.66 32.74 6.33
CA VAL B 492 8.71 32.38 7.39
C VAL B 492 7.75 31.24 7.01
N LEU B 493 7.29 31.27 5.77
CA LEU B 493 6.39 30.25 5.26
C LEU B 493 7.02 28.86 5.26
N ALA B 494 8.34 28.81 5.10
CA ALA B 494 9.07 27.55 5.07
C ALA B 494 8.92 26.77 6.37
N ARG B 495 8.66 27.48 7.46
CA ARG B 495 8.51 26.84 8.76
C ARG B 495 9.67 25.86 8.99
N ASP B 496 10.88 26.37 8.80
CA ASP B 496 12.11 25.61 9.02
C ASP B 496 12.74 26.17 10.30
N PRO B 497 12.88 25.33 11.33
CA PRO B 497 13.45 25.79 12.61
C PRO B 497 14.88 26.33 12.53
N TYR B 498 15.57 26.05 11.43
CA TYR B 498 16.93 26.51 11.26
C TYR B 498 16.99 27.92 10.66
N CYS B 499 15.93 28.33 9.98
CA CYS B 499 15.92 29.63 9.29
C CYS B 499 15.08 30.73 9.89
N ALA B 500 15.61 31.96 9.85
CA ALA B 500 14.93 33.14 10.36
C ALA B 500 15.28 34.31 9.46
N TRP B 501 14.39 35.30 9.37
CA TRP B 501 14.69 36.46 8.53
C TRP B 501 15.46 37.52 9.32
N SER B 502 16.51 38.04 8.69
CA SER B 502 17.34 39.08 9.30
C SER B 502 16.96 40.45 8.72
N PRO B 503 16.13 41.22 9.42
CA PRO B 503 15.78 42.54 8.86
C PRO B 503 16.98 43.42 8.49
N PRO B 504 17.99 43.52 9.36
CA PRO B 504 19.17 44.34 9.06
C PRO B 504 19.85 44.07 7.72
N THR B 505 20.02 42.81 7.39
CA THR B 505 20.69 42.45 6.14
C THR B 505 19.71 42.10 5.02
N ALA B 506 18.43 42.01 5.36
CA ALA B 506 17.37 41.66 4.40
C ALA B 506 17.64 40.30 3.76
N THR B 507 18.00 39.32 4.59
CA THR B 507 18.29 37.97 4.13
C THR B 507 17.77 36.93 5.11
N CYS B 508 17.52 35.73 4.61
CA CYS B 508 17.05 34.62 5.43
C CYS B 508 18.35 33.94 5.86
N VAL B 509 18.54 33.80 7.17
CA VAL B 509 19.78 33.25 7.70
C VAL B 509 19.62 32.04 8.60
N ALA B 510 20.72 31.31 8.78
CA ALA B 510 20.73 30.14 9.66
C ALA B 510 20.79 30.71 11.06
N LEU B 511 19.68 30.55 11.77
CA LEU B 511 19.50 31.01 13.13
C LEU B 511 20.73 30.90 14.02
N HIS B 512 21.47 29.81 13.92
CA HIS B 512 22.61 29.63 14.79
C HIS B 512 24.00 29.96 14.26
N GLN B 513 24.09 30.45 13.02
CA GLN B 513 25.38 30.80 12.44
C GLN B 513 25.45 32.28 12.01
N THR B 514 24.40 33.03 12.30
CA THR B 514 24.32 34.44 11.92
C THR B 514 24.88 35.36 13.00
N GLU B 515 25.39 36.51 12.57
CA GLU B 515 25.94 37.52 13.49
C GLU B 515 24.88 38.59 13.67
N SER B 516 23.75 38.39 12.98
CA SER B 516 22.61 39.29 13.04
C SER B 516 21.97 39.18 14.43
N PRO B 517 21.76 40.31 15.12
CA PRO B 517 21.15 40.28 16.45
C PRO B 517 19.97 39.33 16.50
N SER B 518 20.04 38.33 17.36
CA SER B 518 18.99 37.33 17.44
C SER B 518 17.60 37.84 17.86
N ARG B 519 17.54 38.82 18.74
CA ARG B 519 16.23 39.32 19.15
C ARG B 519 15.53 40.14 18.05
N GLY B 520 16.28 40.53 17.02
CA GLY B 520 15.70 41.27 15.91
C GLY B 520 15.24 40.32 14.80
N LEU B 521 15.73 39.09 14.85
CA LEU B 521 15.39 38.07 13.86
C LEU B 521 13.89 37.76 13.82
N ILE B 522 13.40 37.37 12.65
CA ILE B 522 12.00 37.03 12.50
C ILE B 522 11.81 35.56 12.11
N GLN B 523 11.00 34.86 12.89
CA GLN B 523 10.70 33.46 12.64
C GLN B 523 9.35 33.15 13.27
N GLU B 524 8.47 32.53 12.50
CA GLU B 524 7.14 32.16 12.98
C GLU B 524 6.88 30.73 12.52
N MET B 525 7.00 29.77 13.43
CA MET B 525 6.81 28.38 13.05
C MET B 525 5.35 28.10 12.71
N SER B 526 4.46 29.04 13.05
CA SER B 526 3.05 28.90 12.72
C SER B 526 2.88 29.26 11.24
N GLY B 527 3.94 29.83 10.66
CA GLY B 527 3.92 30.20 9.26
C GLY B 527 3.29 31.55 8.94
N ASP B 528 2.88 32.27 9.98
CA ASP B 528 2.25 33.61 9.82
C ASP B 528 3.31 34.69 9.51
N ALA B 529 3.37 35.13 8.25
CA ALA B 529 4.36 36.12 7.86
C ALA B 529 3.92 37.59 8.00
N SER B 530 2.82 37.84 8.71
CA SER B 530 2.31 39.19 8.92
C SER B 530 3.35 40.23 9.31
N VAL B 531 4.20 39.89 10.28
CA VAL B 531 5.23 40.79 10.80
C VAL B 531 6.34 41.14 9.82
N CYS B 532 6.45 40.36 8.75
CA CYS B 532 7.52 40.61 7.79
C CYS B 532 7.63 42.03 7.23
N PRO B 533 8.84 42.58 7.19
CA PRO B 533 9.02 43.93 6.64
C PRO B 533 8.92 43.90 5.11
N ASP B 534 8.72 45.05 4.50
CA ASP B 534 8.69 45.18 3.05
C ASP B 534 8.03 44.07 2.25
N LYS B 535 6.80 43.73 2.63
CA LYS B 535 6.05 42.69 1.95
C LYS B 535 5.87 42.91 0.46
N SER B 536 6.07 44.13 -0.04
CA SER B 536 5.95 44.30 -1.48
C SER B 536 7.18 43.57 -1.99
N LYS B 537 7.04 42.24 -1.92
CA LYS B 537 8.04 41.23 -2.29
C LYS B 537 9.17 41.68 -3.19
N GLY B 538 9.31 41.03 -4.34
CA GLY B 538 10.39 41.40 -5.23
C GLY B 538 10.11 41.38 -6.72
N SER B 539 9.75 40.22 -7.24
CA SER B 539 9.49 40.06 -8.68
C SER B 539 8.47 41.04 -9.25
N TYR B 540 8.98 42.00 -10.03
CA TYR B 540 8.14 43.01 -10.67
C TYR B 540 8.55 43.18 -12.12
N ARG B 541 7.61 42.98 -13.03
CA ARG B 541 7.91 43.10 -14.45
C ARG B 541 7.09 44.12 -15.23
N GLN B 542 7.75 44.70 -16.23
CA GLN B 542 7.20 45.71 -17.13
C GLN B 542 7.01 45.06 -18.49
N HIS B 543 5.85 45.29 -19.11
CA HIS B 543 5.60 44.67 -20.42
C HIS B 543 5.16 45.58 -21.57
N PHE B 544 6.01 45.62 -22.59
CA PHE B 544 5.80 46.38 -23.82
C PHE B 544 5.30 45.34 -24.83
N PHE B 545 3.99 45.25 -25.02
CA PHE B 545 3.47 44.26 -25.94
C PHE B 545 2.62 44.76 -27.10
N LYS B 546 2.98 44.32 -28.31
CA LYS B 546 2.27 44.71 -29.53
C LYS B 546 0.79 44.34 -29.49
N HIS B 547 0.01 44.97 -30.36
CA HIS B 547 -1.41 44.69 -30.42
C HIS B 547 -1.65 43.37 -31.13
N GLY B 548 -2.71 42.67 -30.73
CA GLY B 548 -3.04 41.39 -31.35
C GLY B 548 -2.09 40.26 -30.99
N GLY B 549 -0.97 40.61 -30.36
CA GLY B 549 0.00 39.61 -29.98
C GLY B 549 -0.45 38.70 -28.85
N THR B 550 0.47 37.86 -28.38
CA THR B 550 0.19 36.92 -27.31
C THR B 550 1.37 36.91 -26.33
N ALA B 551 1.10 37.16 -25.06
CA ALA B 551 2.14 37.19 -24.03
C ALA B 551 1.93 36.19 -22.89
N GLU B 552 3.05 35.64 -22.40
CA GLU B 552 3.03 34.69 -21.30
C GLU B 552 3.52 35.39 -20.05
N LEU B 553 2.72 35.35 -19.00
CA LEU B 553 3.12 36.01 -17.76
C LEU B 553 3.66 34.99 -16.76
N LYS B 554 4.99 34.97 -16.64
CA LYS B 554 5.69 34.05 -15.75
C LYS B 554 5.37 34.22 -14.26
N CYS B 555 5.03 33.11 -13.60
CA CYS B 555 4.74 33.13 -12.17
C CYS B 555 5.51 32.01 -11.49
N SER B 556 6.47 32.37 -10.65
CA SER B 556 7.30 31.39 -9.94
C SER B 556 7.17 31.40 -8.43
N GLN B 557 6.99 30.22 -7.86
CA GLN B 557 6.89 30.07 -6.41
C GLN B 557 7.34 28.66 -6.11
N LYS B 558 8.02 28.48 -4.98
CA LYS B 558 8.54 27.18 -4.63
C LYS B 558 7.61 26.20 -3.90
N SER B 559 6.52 26.70 -3.31
CA SER B 559 5.62 25.81 -2.58
C SER B 559 4.86 24.80 -3.44
N ASN B 560 5.19 23.52 -3.24
CA ASN B 560 4.55 22.42 -3.96
C ASN B 560 3.14 22.25 -3.42
N LEU B 561 2.85 22.91 -2.30
CA LEU B 561 1.54 22.80 -1.69
C LEU B 561 0.67 24.03 -1.95
N ALA B 562 1.22 25.01 -2.63
CA ALA B 562 0.45 26.22 -2.88
C ALA B 562 -0.41 26.17 -4.14
N ARG B 563 -1.55 26.83 -4.06
CA ARG B 563 -2.48 26.95 -5.16
C ARG B 563 -2.27 28.39 -5.62
N VAL B 564 -1.72 28.58 -6.81
CA VAL B 564 -1.50 29.93 -7.29
C VAL B 564 -2.56 30.33 -8.29
N PHE B 565 -2.98 31.60 -8.22
CA PHE B 565 -3.98 32.13 -9.14
C PHE B 565 -3.62 33.56 -9.50
N TRP B 566 -4.32 34.11 -10.50
CA TRP B 566 -4.06 35.47 -10.96
C TRP B 566 -5.17 36.46 -10.67
N LYS B 567 -4.79 37.72 -10.49
CA LYS B 567 -5.72 38.79 -10.21
C LYS B 567 -5.56 39.85 -11.30
N PHE B 568 -6.65 40.53 -11.62
CA PHE B 568 -6.62 41.58 -12.63
C PHE B 568 -7.39 42.78 -12.12
N GLN B 569 -6.81 43.96 -12.30
CA GLN B 569 -7.43 45.19 -11.83
C GLN B 569 -8.36 44.92 -10.64
N ASN B 570 -7.77 44.69 -9.48
CA ASN B 570 -8.50 44.44 -8.24
C ASN B 570 -9.14 43.06 -8.12
N GLY B 571 -9.95 42.68 -9.11
CA GLY B 571 -10.63 41.40 -9.07
C GLY B 571 -9.82 40.20 -9.54
N VAL B 572 -10.14 39.04 -8.97
CA VAL B 572 -9.45 37.81 -9.33
C VAL B 572 -9.95 37.34 -10.70
N LEU B 573 -9.02 37.24 -11.64
CA LEU B 573 -9.34 36.83 -12.99
C LEU B 573 -9.55 35.32 -13.10
N LYS B 574 -10.12 34.89 -14.22
CA LYS B 574 -10.37 33.48 -14.46
C LYS B 574 -9.66 33.10 -15.74
N ALA B 575 -8.50 32.47 -15.60
CA ALA B 575 -7.72 32.03 -16.75
C ALA B 575 -8.53 30.97 -17.48
N GLU B 576 -9.62 31.41 -18.07
CA GLU B 576 -10.53 30.56 -18.81
C GLU B 576 -10.56 31.00 -20.26
N SER B 577 -10.58 30.02 -21.16
CA SER B 577 -10.65 30.30 -22.59
C SER B 577 -11.93 31.08 -22.84
N PRO B 578 -12.04 31.72 -24.02
CA PRO B 578 -11.01 31.71 -25.07
C PRO B 578 -9.94 32.80 -24.95
N LYS B 579 -10.12 33.73 -24.02
CA LYS B 579 -9.16 34.84 -23.86
C LYS B 579 -7.90 34.59 -23.04
N TYR B 580 -7.90 33.57 -22.18
CA TYR B 580 -6.73 33.27 -21.37
C TYR B 580 -6.19 31.85 -21.55
N GLY B 581 -5.49 31.34 -20.55
CA GLY B 581 -4.93 30.00 -20.61
C GLY B 581 -3.58 29.90 -19.93
N LEU B 582 -3.53 29.20 -18.79
CA LEU B 582 -2.30 29.05 -18.03
C LEU B 582 -1.35 28.00 -18.59
N MET B 583 -0.14 28.44 -18.93
CA MET B 583 0.87 27.53 -19.47
C MET B 583 1.33 26.52 -18.45
N GLY B 584 0.63 25.39 -18.39
CA GLY B 584 0.97 24.31 -17.47
C GLY B 584 1.12 24.72 -16.02
N ARG B 585 0.01 25.04 -15.36
CA ARG B 585 0.03 25.43 -13.96
C ARG B 585 1.10 26.49 -13.70
N LYS B 586 0.65 27.74 -13.46
CA LYS B 586 1.53 28.89 -13.19
C LYS B 586 1.26 30.07 -14.12
N ASN B 587 2.08 30.15 -15.17
CA ASN B 587 2.01 31.22 -16.15
C ASN B 587 0.65 31.46 -16.77
N LEU B 588 0.28 32.74 -16.87
CA LEU B 588 -0.99 33.12 -17.47
C LEU B 588 -0.70 33.64 -18.87
N LEU B 589 -1.47 33.17 -19.83
CA LEU B 589 -1.32 33.63 -21.20
C LEU B 589 -2.53 34.48 -21.48
N ILE B 590 -2.32 35.62 -22.12
CA ILE B 590 -3.42 36.52 -22.46
C ILE B 590 -3.48 36.52 -23.99
N PHE B 591 -4.44 35.81 -24.54
CA PHE B 591 -4.59 35.69 -25.98
C PHE B 591 -5.20 36.92 -26.65
N ASN B 592 -4.67 37.25 -27.83
CA ASN B 592 -5.14 38.41 -28.58
C ASN B 592 -5.04 39.67 -27.77
N LEU B 593 -3.81 40.17 -27.65
CA LEU B 593 -3.58 41.37 -26.88
C LEU B 593 -4.43 42.52 -27.36
N SER B 594 -5.59 42.67 -26.72
CA SER B 594 -6.51 43.75 -27.03
C SER B 594 -5.97 44.98 -26.35
N GLU B 595 -6.84 45.73 -25.68
CA GLU B 595 -6.41 46.93 -24.97
C GLU B 595 -7.05 47.05 -23.59
N GLY B 596 -8.22 46.44 -23.44
CA GLY B 596 -8.88 46.46 -22.16
C GLY B 596 -8.12 45.47 -21.29
N ASP B 597 -7.15 44.81 -21.93
CA ASP B 597 -6.30 43.82 -21.30
C ASP B 597 -5.03 44.47 -20.71
N SER B 598 -4.82 45.75 -21.01
CA SER B 598 -3.64 46.45 -20.51
C SER B 598 -3.77 46.78 -19.02
N GLY B 599 -2.68 46.61 -18.29
CA GLY B 599 -2.69 46.89 -16.86
C GLY B 599 -1.73 46.09 -16.02
N VAL B 600 -2.11 45.86 -14.76
CA VAL B 600 -1.28 45.11 -13.83
C VAL B 600 -1.88 43.75 -13.53
N TYR B 601 -1.05 42.72 -13.61
CA TYR B 601 -1.46 41.35 -13.35
C TYR B 601 -0.77 40.80 -12.11
N GLN B 602 -1.58 40.34 -11.17
CA GLN B 602 -1.07 39.81 -9.90
C GLN B 602 -1.15 38.29 -9.79
N CYS B 603 -0.04 37.65 -9.40
CA CYS B 603 -0.03 36.20 -9.22
C CYS B 603 0.10 35.90 -7.74
N LEU B 604 -1.00 35.43 -7.14
CA LEU B 604 -1.02 35.11 -5.72
C LEU B 604 -0.91 33.61 -5.48
N SER B 605 -0.23 33.27 -4.40
CA SER B 605 -0.05 31.88 -4.01
C SER B 605 -0.85 31.69 -2.72
N GLU B 606 -1.78 30.74 -2.72
CA GLU B 606 -2.60 30.48 -1.54
C GLU B 606 -2.09 29.22 -0.86
N GLU B 607 -1.93 29.28 0.46
CA GLU B 607 -1.42 28.15 1.23
C GLU B 607 -2.07 28.08 2.60
N ARG B 608 -2.35 26.86 3.06
CA ARG B 608 -2.94 26.69 4.38
C ARG B 608 -1.72 26.55 5.29
N VAL B 609 -1.63 27.40 6.31
CA VAL B 609 -0.48 27.36 7.21
C VAL B 609 -0.72 26.87 8.63
N LYS B 610 -1.96 26.50 8.93
CA LYS B 610 -2.33 25.99 10.25
C LYS B 610 -3.82 25.72 10.14
N ASN B 611 -4.61 26.70 10.58
CA ASN B 611 -6.06 26.63 10.47
C ASN B 611 -6.33 27.80 9.54
N LYS B 612 -5.27 28.57 9.32
CA LYS B 612 -5.29 29.76 8.48
C LYS B 612 -4.90 29.53 7.02
N THR B 613 -5.58 30.24 6.13
CA THR B 613 -5.28 30.16 4.70
C THR B 613 -4.62 31.50 4.41
N VAL B 614 -3.43 31.47 3.81
CA VAL B 614 -2.70 32.68 3.55
C VAL B 614 -2.37 32.93 2.10
N PHE B 615 -2.16 34.20 1.78
CA PHE B 615 -1.85 34.62 0.42
C PHE B 615 -0.56 35.39 0.34
N GLN B 616 0.17 35.14 -0.72
CA GLN B 616 1.43 35.80 -0.95
C GLN B 616 1.43 36.22 -2.41
N VAL B 617 1.80 37.47 -2.67
CA VAL B 617 1.86 37.96 -4.04
C VAL B 617 3.19 37.41 -4.55
N VAL B 618 3.08 36.42 -5.43
CA VAL B 618 4.26 35.76 -5.97
C VAL B 618 4.84 36.53 -7.13
N ALA B 619 3.98 37.18 -7.91
CA ALA B 619 4.46 37.94 -9.05
C ALA B 619 3.57 39.14 -9.37
N LYS B 620 4.21 40.23 -9.73
CA LYS B 620 3.50 41.44 -10.10
C LYS B 620 3.87 41.73 -11.55
N HIS B 621 2.86 41.92 -12.38
CA HIS B 621 3.08 42.19 -13.80
C HIS B 621 2.32 43.40 -14.29
N VAL B 622 3.06 44.38 -14.78
CA VAL B 622 2.46 45.60 -15.32
C VAL B 622 2.78 45.63 -16.80
N LEU B 623 1.74 45.45 -17.62
CA LEU B 623 1.91 45.44 -19.06
C LEU B 623 0.98 46.43 -19.77
N GLU B 624 1.46 46.93 -20.90
CA GLU B 624 0.70 47.86 -21.72
C GLU B 624 1.01 47.47 -23.15
N VAL B 625 -0.03 47.04 -23.87
CA VAL B 625 0.11 46.64 -25.26
C VAL B 625 -0.03 47.86 -26.18
N LYS B 626 1.07 48.20 -26.86
CA LYS B 626 1.10 49.34 -27.76
C LYS B 626 0.17 49.18 -28.96
N VAL B 627 -0.73 50.15 -29.13
CA VAL B 627 -1.66 50.13 -30.24
C VAL B 627 -1.00 50.73 -31.49
N VAL B 628 -1.48 50.45 -32.61
#